data_2AKA
#
_entry.id   2AKA
#
_cell.length_a   57.420
_cell.length_b   126.990
_cell.length_c   160.810
_cell.angle_alpha   90.00
_cell.angle_beta   90.00
_cell.angle_gamma   90.00
#
_symmetry.space_group_name_H-M   'P 21 21 21'
#
loop_
_entity.id
_entity.type
_entity.pdbx_description
1 polymer 'myosin II heavy chain'
2 polymer LINKER
3 polymer Dynamin-1
4 water water
#
loop_
_entity_poly.entity_id
_entity_poly.type
_entity_poly.pdbx_seq_one_letter_code
_entity_poly.pdbx_strand_id
1 'polypeptide(L)'
;MHHHHHHHDGTENPIHDRTSDYHKYLKVKQGDSDLFKLTVSDKRYIWYNPDPKERDSYECGEIVSETSDSFTFKTVDGQD
RQVKKDDANQRNPIKFDGVEDMSELSYLNEPAVFHNLRVRYNQDLIYTYSGLFLVAVNPFKRIPIYTQEMVDIFKGRRRN
EVAPHIFAISDVAYRSMLDDRQNQSLLITGESGAGKTENTKKVIQYLASVAGRNQANGSGVLEQQILQANPILEAFGNAK
TTRNNNSSRFGKFIEIQFNSAGFISGASIQSYLLEKSRVVFQSETERNYHIFYQLLAGATAEEKKALHLAGPESFNYLNQ
SGCVDIKGVSDSEEFKITRQAMDIVGFSQEEQMSIFKIIAGILHLGNIKFEKGAGEGAVLKDKTALNAASTVFGVNPSVL
EKALMEPRILAGRDLVAQHLNVEKSSSSRDALVKALYGRLFLWLVKKINNVLCQERKAYFIGVLDISGFEIFKVNSFEQL
CINYTNEKLQQFFNHHMFKLEQEEYLKEKINWTFIDFGLDSQATIDLIDGRQPPGILALLDEQSVFPNATDNTLITKLHS
HFSKKNAKYEEPRFSKTEFGVTHYAGQVMYEIQDWLEKNKDPLQQDLELCFKDSSDNVVTKLFNDPNIASRAKKGANFIT
VAAQYKEQLASLMATLETTNPHFVRCIIPNNKQLPAKLEDKVVLDQLRCNGVLEGIRITRKGFPNRIIYADFVKRYYLLA
PNVPRDAEDSQKATDAVLKHLNIDPEQYRFGITKIFFRAGQLARIEEAREQRISEI
;
A
2 'polypeptide(L)' TRLVPRGSELALE L
3 'polypeptide(L)'
;MEDLIPLVNRLQDAFSAIGQNADLDLPQIAVVGGQSAGKSSVLENFVGRDFLPRGSGIVTRRPLVLQLVNSTTEYAEFLH
CKGKKFTDFEEVRLEIEAETDRVTGTNKGISPVPINLRVYSPHVLNLTLVDLPGMTKVPVGDQPPDIEFQIRDMLMQFVT
KENCLILAVSPANSDLANSDALKIAKEVDPQGQRTIGVITKLDLMDEGTDARDVLENKLLPLRRGYIGVVNRSQKDIDGK
KDITAALAAERKFFLSHPSYRHLADRMGTPYLQKVLNQQLTNHIRDTLPGLRNKLQSQL
;
B
#
# COMPACT_ATOMS: atom_id res chain seq x y z
N ASN A 13 -7.11 15.93 -18.93
CA ASN A 13 -6.47 14.69 -18.39
C ASN A 13 -7.09 14.38 -17.04
N PRO A 14 -8.09 13.49 -17.03
CA PRO A 14 -8.76 13.13 -15.76
C PRO A 14 -7.82 12.71 -14.64
N ILE A 15 -6.63 12.22 -14.97
CA ILE A 15 -5.70 11.80 -13.93
C ILE A 15 -5.19 13.00 -13.11
N HIS A 16 -5.26 14.18 -13.68
CA HIS A 16 -4.79 15.36 -12.94
C HIS A 16 -5.92 16.30 -12.58
N ASP A 17 -7.08 16.12 -13.21
CA ASP A 17 -8.24 16.96 -12.98
C ASP A 17 -8.95 16.51 -11.73
N ARG A 18 -8.78 17.26 -10.66
CA ARG A 18 -9.41 16.92 -9.38
C ARG A 18 -10.91 16.88 -9.43
N THR A 19 -11.52 17.35 -10.52
CA THR A 19 -12.99 17.33 -10.63
C THR A 19 -13.52 16.06 -11.28
N SER A 20 -12.64 15.26 -11.89
CA SER A 20 -13.07 14.05 -12.62
C SER A 20 -13.59 12.94 -11.75
N ASP A 21 -14.29 11.99 -12.37
CA ASP A 21 -14.79 10.84 -11.61
C ASP A 21 -13.58 9.98 -11.22
N TYR A 22 -12.51 10.07 -11.99
CA TYR A 22 -11.25 9.30 -11.65
C TYR A 22 -10.77 9.81 -10.28
N HIS A 23 -10.74 11.13 -10.11
CA HIS A 23 -10.32 11.64 -8.82
C HIS A 23 -11.37 11.43 -7.74
N LYS A 24 -12.62 11.67 -8.07
CA LYS A 24 -13.67 11.49 -7.07
C LYS A 24 -13.73 10.04 -6.51
N TYR A 25 -13.67 9.02 -7.39
CA TYR A 25 -13.82 7.65 -6.97
C TYR A 25 -12.57 6.79 -6.87
N LEU A 26 -11.41 7.30 -7.28
CA LEU A 26 -10.21 6.46 -7.21
C LEU A 26 -9.03 7.11 -6.49
N LYS A 27 -9.16 8.37 -6.09
CA LYS A 27 -8.06 9.04 -5.38
C LYS A 27 -8.49 9.58 -4.02
N VAL A 28 -7.55 9.77 -3.11
CA VAL A 28 -7.89 10.31 -1.79
C VAL A 28 -8.25 11.79 -1.97
N LYS A 29 -9.28 12.22 -1.22
CA LYS A 29 -9.81 13.60 -1.28
C LYS A 29 -8.77 14.70 -1.16
N GLN A 30 -7.66 14.41 -0.50
CA GLN A 30 -6.56 15.36 -0.33
C GLN A 30 -6.49 16.43 -1.45
N GLY A 31 -6.53 15.99 -2.70
CA GLY A 31 -6.45 16.91 -3.81
C GLY A 31 -5.09 17.61 -3.78
N ASP A 32 -5.07 18.84 -3.29
CA ASP A 32 -3.82 19.59 -3.19
C ASP A 32 -3.67 20.30 -1.83
N SER A 33 -4.54 21.27 -1.58
CA SER A 33 -4.50 22.05 -0.34
C SER A 33 -5.22 21.36 0.83
N ASP A 34 -6.23 20.56 0.50
CA ASP A 34 -7.03 19.85 1.49
C ASP A 34 -6.18 19.06 2.49
N LEU A 35 -6.00 17.76 2.22
CA LEU A 35 -5.20 16.91 3.11
C LEU A 35 -3.71 17.15 2.90
N PHE A 36 -3.14 18.08 3.67
CA PHE A 36 -1.72 18.41 3.59
C PHE A 36 -1.31 19.33 4.77
N LYS A 37 -2.19 20.26 5.12
CA LYS A 37 -1.94 21.20 6.22
C LYS A 37 -3.12 21.26 7.20
N LEU A 38 -3.69 20.10 7.50
CA LEU A 38 -4.83 19.99 8.43
C LEU A 38 -4.38 19.97 9.89
N THR A 39 -3.38 20.80 10.21
CA THR A 39 -2.80 20.96 11.55
C THR A 39 -1.67 19.98 11.96
N VAL A 40 -2.03 18.93 12.69
CA VAL A 40 -1.10 17.89 13.23
C VAL A 40 -0.41 18.46 14.49
N SER A 41 -0.12 17.61 15.46
CA SER A 41 0.51 18.08 16.69
C SER A 41 1.81 17.33 17.01
N ASP A 42 1.85 16.74 18.20
CA ASP A 42 3.01 15.98 18.64
C ASP A 42 2.57 14.84 19.56
N LYS A 43 1.31 14.42 19.40
CA LYS A 43 0.76 13.32 20.19
C LYS A 43 0.80 12.04 19.36
N ARG A 44 1.18 10.95 20.01
CA ARG A 44 1.28 9.66 19.34
C ARG A 44 0.24 8.69 19.91
N TYR A 45 -0.28 7.82 19.06
CA TYR A 45 -1.28 6.86 19.49
C TYR A 45 -0.85 5.40 19.25
N ILE A 46 -1.59 4.48 19.84
CA ILE A 46 -1.31 3.05 19.72
C ILE A 46 -2.62 2.31 19.42
N TRP A 47 -2.51 1.18 18.71
CA TRP A 47 -3.71 0.38 18.43
C TRP A 47 -3.69 -0.73 19.49
N TYR A 48 -4.80 -0.94 20.17
CA TYR A 48 -4.80 -2.01 21.19
C TYR A 48 -6.12 -2.77 21.17
N ASN A 49 -6.11 -3.93 21.80
CA ASN A 49 -7.27 -4.80 21.90
C ASN A 49 -8.00 -4.55 23.23
N PRO A 50 -9.19 -3.93 23.20
CA PRO A 50 -9.90 -3.71 24.47
C PRO A 50 -10.20 -5.01 25.22
N ASP A 51 -10.44 -6.09 24.47
CA ASP A 51 -10.70 -7.40 25.05
C ASP A 51 -9.66 -8.38 24.49
N PRO A 52 -8.72 -8.83 25.33
CA PRO A 52 -7.66 -9.76 24.94
C PRO A 52 -8.08 -11.05 24.24
N LYS A 53 -9.35 -11.43 24.39
CA LYS A 53 -9.85 -12.65 23.75
C LYS A 53 -10.06 -12.42 22.25
N GLU A 54 -10.39 -11.19 21.88
CA GLU A 54 -10.65 -10.78 20.50
C GLU A 54 -9.40 -10.05 20.00
N ARG A 55 -8.46 -10.82 19.48
CA ARG A 55 -7.19 -10.28 19.01
C ARG A 55 -7.26 -9.46 17.72
N ASP A 56 -8.41 -9.51 17.03
CA ASP A 56 -8.56 -8.74 15.78
C ASP A 56 -9.52 -7.56 15.95
N SER A 57 -9.87 -7.23 17.20
CA SER A 57 -10.78 -6.10 17.45
C SER A 57 -9.95 -5.05 18.17
N TYR A 58 -9.84 -3.88 17.55
CA TYR A 58 -8.98 -2.84 18.11
C TYR A 58 -9.65 -1.52 18.39
N GLU A 59 -8.97 -0.71 19.19
CA GLU A 59 -9.38 0.66 19.48
C GLU A 59 -8.08 1.44 19.46
N CYS A 60 -8.19 2.76 19.48
CA CYS A 60 -7.02 3.62 19.45
C CYS A 60 -6.81 4.36 20.78
N GLY A 61 -5.64 4.14 21.39
CA GLY A 61 -5.29 4.76 22.65
C GLY A 61 -4.13 5.76 22.55
N GLU A 62 -4.16 6.76 23.43
CA GLU A 62 -3.13 7.80 23.44
C GLU A 62 -1.95 7.40 24.29
N ILE A 63 -0.75 7.52 23.73
CA ILE A 63 0.46 7.20 24.47
C ILE A 63 0.57 8.27 25.54
N VAL A 64 0.89 7.89 26.77
CA VAL A 64 0.99 8.88 27.84
C VAL A 64 2.38 8.95 28.45
N SER A 65 2.88 7.80 28.87
CA SER A 65 4.20 7.65 29.48
C SER A 65 5.06 6.88 28.46
N GLU A 66 6.34 6.67 28.77
CA GLU A 66 7.25 5.93 27.88
C GLU A 66 8.48 5.49 28.65
N THR A 67 8.80 4.19 28.61
CA THR A 67 9.97 3.72 29.33
C THR A 67 10.98 2.93 28.51
N SER A 68 11.76 2.09 29.18
CA SER A 68 12.79 1.31 28.52
C SER A 68 12.22 0.38 27.46
N ASP A 69 11.57 -0.68 27.91
CA ASP A 69 11.01 -1.68 27.01
C ASP A 69 9.49 -1.72 26.98
N SER A 70 8.84 -0.60 27.31
CA SER A 70 7.39 -0.55 27.29
C SER A 70 6.83 0.85 27.11
N PHE A 71 5.55 0.91 26.75
CA PHE A 71 4.82 2.16 26.56
C PHE A 71 3.69 2.12 27.57
N THR A 72 3.06 3.27 27.78
CA THR A 72 1.93 3.38 28.70
C THR A 72 0.91 4.26 28.03
N PHE A 73 -0.32 3.75 27.93
CA PHE A 73 -1.38 4.49 27.26
C PHE A 73 -2.71 4.29 27.98
N LYS A 74 -3.62 5.20 27.72
CA LYS A 74 -4.94 5.16 28.32
C LYS A 74 -5.96 4.60 27.32
N THR A 75 -6.61 3.50 27.68
CA THR A 75 -7.63 2.89 26.82
C THR A 75 -8.60 3.99 26.42
N VAL A 76 -9.43 3.72 25.41
CA VAL A 76 -10.37 4.72 24.90
C VAL A 76 -11.27 5.33 25.95
N ASP A 77 -11.39 4.66 27.09
CA ASP A 77 -12.22 5.16 28.19
C ASP A 77 -11.36 6.03 29.09
N GLY A 78 -10.41 5.40 29.79
CA GLY A 78 -9.51 6.11 30.68
C GLY A 78 -8.65 5.14 31.44
N GLN A 79 -8.97 3.85 31.36
CA GLN A 79 -8.20 2.83 32.05
C GLN A 79 -6.76 2.87 31.54
N ASP A 80 -5.83 2.26 32.27
CA ASP A 80 -4.45 2.29 31.82
C ASP A 80 -3.77 0.93 31.68
N ARG A 81 -2.95 0.81 30.65
CA ARG A 81 -2.24 -0.44 30.43
C ARG A 81 -0.85 -0.11 29.93
N GLN A 82 -0.04 -1.15 29.83
CA GLN A 82 1.31 -0.98 29.35
C GLN A 82 1.59 -2.11 28.36
N VAL A 83 2.49 -1.85 27.43
CA VAL A 83 2.80 -2.86 26.47
C VAL A 83 4.27 -2.81 26.15
N LYS A 84 4.89 -3.98 26.15
CA LYS A 84 6.28 -4.09 25.83
C LYS A 84 6.43 -3.46 24.44
N LYS A 85 7.39 -2.54 24.30
CA LYS A 85 7.62 -1.88 23.01
C LYS A 85 7.78 -2.93 21.92
N ASP A 86 8.13 -4.14 22.33
CA ASP A 86 8.31 -5.22 21.36
C ASP A 86 6.98 -5.72 20.83
N ASP A 87 5.89 -5.42 21.51
CA ASP A 87 4.58 -5.88 21.07
C ASP A 87 3.58 -4.78 20.71
N ALA A 88 3.97 -3.54 20.96
CA ALA A 88 3.10 -2.41 20.71
C ALA A 88 2.83 -2.22 19.21
N ASN A 89 1.58 -1.88 18.88
CA ASN A 89 1.19 -1.61 17.48
C ASN A 89 0.98 -0.12 17.40
N GLN A 90 2.04 0.62 17.08
CA GLN A 90 1.91 2.07 17.00
C GLN A 90 1.09 2.50 15.79
N ARG A 91 0.44 3.66 15.91
CA ARG A 91 -0.37 4.22 14.82
C ARG A 91 0.51 5.12 13.99
N ASN A 92 0.39 5.01 12.67
CA ASN A 92 1.19 5.83 11.76
C ASN A 92 0.73 7.28 11.82
N PRO A 93 1.67 8.21 11.59
CA PRO A 93 1.46 9.67 11.56
C PRO A 93 0.41 9.87 10.48
N ILE A 94 -0.36 10.95 10.56
CA ILE A 94 -1.44 11.15 9.63
C ILE A 94 -1.03 11.19 8.15
N LYS A 95 0.23 11.55 7.88
CA LYS A 95 0.69 11.62 6.51
C LYS A 95 0.57 10.28 5.78
N PHE A 96 0.61 9.19 6.53
CA PHE A 96 0.50 7.85 5.94
C PHE A 96 -0.94 7.36 5.71
N ASP A 97 -1.94 8.15 6.11
CA ASP A 97 -3.33 7.69 5.96
C ASP A 97 -3.84 7.76 4.54
N GLY A 98 -4.23 6.62 3.98
CA GLY A 98 -4.73 6.63 2.63
C GLY A 98 -3.73 6.26 1.54
N VAL A 99 -2.51 5.83 1.91
CA VAL A 99 -1.52 5.50 0.86
C VAL A 99 -2.06 4.33 0.00
N GLU A 100 -1.63 4.31 -1.26
CA GLU A 100 -2.16 3.36 -2.24
C GLU A 100 -1.56 1.96 -2.16
N ASP A 101 -0.49 1.82 -1.38
CA ASP A 101 0.19 0.52 -1.18
C ASP A 101 0.54 0.41 0.32
N MET A 102 0.10 -0.67 0.95
CA MET A 102 0.39 -0.91 2.39
C MET A 102 1.91 -0.88 2.62
N SER A 103 2.68 -1.20 1.58
CA SER A 103 4.14 -1.20 1.79
C SER A 103 4.73 0.20 2.08
N GLU A 104 3.92 1.24 1.90
CA GLU A 104 4.32 2.63 2.15
C GLU A 104 4.10 3.01 3.59
N LEU A 105 3.38 2.17 4.35
CA LEU A 105 3.18 2.42 5.77
C LEU A 105 4.51 2.20 6.50
N SER A 106 4.78 2.99 7.55
CA SER A 106 6.05 2.78 8.27
C SER A 106 5.82 1.80 9.44
N TYR A 107 4.81 2.01 10.25
CA TYR A 107 4.49 1.03 11.30
C TYR A 107 3.63 0.01 10.50
N LEU A 108 4.18 -1.16 10.25
CA LEU A 108 3.47 -2.14 9.46
C LEU A 108 3.01 -3.25 10.33
N ASN A 109 1.95 -3.03 11.08
CA ASN A 109 1.39 -4.03 11.98
C ASN A 109 -0.05 -4.23 11.53
N GLU A 110 -0.72 -5.26 12.07
CA GLU A 110 -2.05 -5.60 11.61
C GLU A 110 -3.08 -4.51 11.74
N PRO A 111 -3.22 -3.88 12.93
CA PRO A 111 -4.25 -2.82 13.01
C PRO A 111 -3.94 -1.60 12.12
N ALA A 112 -2.67 -1.35 11.86
CA ALA A 112 -2.29 -0.21 11.01
C ALA A 112 -2.68 -0.54 9.55
N VAL A 113 -2.51 -1.80 9.18
CA VAL A 113 -2.87 -2.22 7.83
C VAL A 113 -4.36 -2.09 7.71
N PHE A 114 -5.09 -2.57 8.72
CA PHE A 114 -6.54 -2.41 8.64
C PHE A 114 -6.94 -0.94 8.57
N HIS A 115 -6.27 -0.11 9.35
CA HIS A 115 -6.64 1.31 9.44
C HIS A 115 -6.53 1.97 8.05
N ASN A 116 -5.43 1.69 7.35
CA ASN A 116 -5.27 2.26 6.03
C ASN A 116 -6.38 1.78 5.08
N LEU A 117 -6.74 0.51 5.18
CA LEU A 117 -7.81 -0.04 4.33
C LEU A 117 -9.12 0.71 4.66
N ARG A 118 -9.29 1.01 5.93
CA ARG A 118 -10.50 1.69 6.39
C ARG A 118 -10.54 3.14 5.99
N VAL A 119 -9.41 3.82 6.05
CA VAL A 119 -9.36 5.24 5.64
C VAL A 119 -9.79 5.29 4.15
N ARG A 120 -9.30 4.34 3.39
CA ARG A 120 -9.63 4.34 1.98
C ARG A 120 -11.09 3.92 1.75
N TYR A 121 -11.51 2.82 2.38
CA TYR A 121 -12.89 2.31 2.20
C TYR A 121 -13.94 3.39 2.58
N ASN A 122 -13.64 4.17 3.61
CA ASN A 122 -14.57 5.19 4.07
C ASN A 122 -14.73 6.32 3.09
N GLN A 123 -13.80 6.40 2.13
CA GLN A 123 -13.88 7.38 1.04
C GLN A 123 -14.25 6.62 -0.26
N ASP A 124 -14.79 5.42 -0.10
CA ASP A 124 -15.19 4.54 -1.19
C ASP A 124 -14.05 4.08 -2.11
N LEU A 125 -12.82 4.08 -1.58
CA LEU A 125 -11.69 3.62 -2.40
C LEU A 125 -11.58 2.15 -2.01
N ILE A 126 -12.08 1.28 -2.88
CA ILE A 126 -12.14 -0.13 -2.56
C ILE A 126 -10.88 -0.97 -2.95
N TYR A 127 -9.98 -0.37 -3.72
CA TYR A 127 -8.73 -1.01 -4.20
C TYR A 127 -7.49 -0.40 -3.50
N THR A 128 -6.62 -1.27 -2.96
CA THR A 128 -5.41 -0.82 -2.31
C THR A 128 -4.36 -1.92 -2.58
N TYR A 129 -3.14 -1.55 -2.94
CA TYR A 129 -2.13 -2.62 -3.12
C TYR A 129 -1.52 -2.95 -1.78
N SER A 130 -0.95 -4.16 -1.63
CA SER A 130 -0.22 -4.48 -0.41
C SER A 130 0.93 -5.30 -1.03
N GLY A 131 2.02 -4.62 -1.37
CA GLY A 131 3.14 -5.28 -2.05
C GLY A 131 2.64 -5.76 -3.42
N LEU A 132 2.88 -7.02 -3.74
CA LEU A 132 2.42 -7.56 -5.02
C LEU A 132 0.88 -7.64 -5.10
N PHE A 133 0.21 -7.83 -3.98
CA PHE A 133 -1.30 -8.01 -3.98
C PHE A 133 -2.12 -6.76 -4.33
N LEU A 134 -3.22 -6.96 -5.07
CA LEU A 134 -4.19 -5.88 -5.23
C LEU A 134 -5.32 -6.37 -4.23
N VAL A 135 -5.64 -5.58 -3.22
CA VAL A 135 -6.71 -5.96 -2.27
C VAL A 135 -7.96 -5.22 -2.73
N ALA A 136 -9.10 -5.91 -2.76
CA ALA A 136 -10.34 -5.33 -3.30
C ALA A 136 -11.43 -5.62 -2.28
N VAL A 137 -11.95 -4.57 -1.65
CA VAL A 137 -12.93 -4.77 -0.61
C VAL A 137 -14.30 -4.52 -1.20
N ASN A 138 -15.20 -5.48 -1.03
CA ASN A 138 -16.55 -5.29 -1.57
C ASN A 138 -17.22 -4.06 -0.92
N PRO A 139 -17.67 -3.09 -1.73
CA PRO A 139 -18.34 -1.90 -1.15
C PRO A 139 -19.85 -2.20 -0.88
N PHE A 140 -20.34 -3.35 -1.37
CA PHE A 140 -21.77 -3.68 -1.20
C PHE A 140 -22.69 -2.59 -1.80
N LYS A 141 -22.21 -1.98 -2.87
CA LYS A 141 -22.98 -0.99 -3.61
C LYS A 141 -22.28 -0.80 -4.93
N ARG A 142 -22.93 -0.17 -5.92
CA ARG A 142 -22.26 0.05 -7.20
C ARG A 142 -21.50 1.37 -7.19
N ILE A 143 -20.24 1.35 -7.66
CA ILE A 143 -19.44 2.58 -7.77
C ILE A 143 -19.11 2.70 -9.28
N PRO A 144 -19.30 3.91 -9.88
CA PRO A 144 -19.04 4.04 -11.32
C PRO A 144 -17.60 4.13 -11.78
N ILE A 145 -16.82 3.07 -11.54
CA ILE A 145 -15.42 3.10 -11.92
C ILE A 145 -15.11 2.03 -12.94
N TYR A 146 -16.13 1.57 -13.67
CA TYR A 146 -15.91 0.53 -14.68
C TYR A 146 -16.44 0.92 -16.07
N THR A 147 -16.57 2.22 -16.29
CA THR A 147 -17.09 2.74 -17.53
C THR A 147 -16.03 2.66 -18.63
N GLN A 148 -16.47 2.88 -19.87
CA GLN A 148 -15.55 2.88 -20.99
C GLN A 148 -14.50 3.94 -20.77
N GLU A 149 -14.90 5.05 -20.17
CA GLU A 149 -13.99 6.15 -19.92
C GLU A 149 -12.87 5.74 -18.93
N MET A 150 -13.24 4.90 -17.96
CA MET A 150 -12.24 4.40 -16.98
C MET A 150 -11.31 3.40 -17.72
N VAL A 151 -11.87 2.57 -18.59
CA VAL A 151 -11.03 1.62 -19.32
C VAL A 151 -9.95 2.38 -20.09
N ASP A 152 -10.36 3.45 -20.77
CA ASP A 152 -9.43 4.26 -21.55
C ASP A 152 -8.32 4.88 -20.69
N ILE A 153 -8.60 5.25 -19.44
CA ILE A 153 -7.56 5.83 -18.57
C ILE A 153 -6.51 4.78 -18.23
N PHE A 154 -6.93 3.54 -18.00
CA PHE A 154 -5.97 2.53 -17.61
C PHE A 154 -5.19 1.93 -18.73
N LYS A 155 -5.71 2.07 -19.95
CA LYS A 155 -5.08 1.46 -21.10
C LYS A 155 -3.59 1.78 -21.21
N GLY A 156 -2.78 0.72 -21.18
CA GLY A 156 -1.36 0.88 -21.31
C GLY A 156 -0.56 1.51 -20.19
N ARG A 157 -1.21 1.85 -19.07
CA ARG A 157 -0.48 2.47 -17.96
C ARG A 157 0.13 1.47 -16.99
N ARG A 158 1.33 1.78 -16.49
CA ARG A 158 2.01 0.92 -15.54
C ARG A 158 1.36 1.05 -14.15
N ARG A 159 1.54 0.04 -13.32
CA ARG A 159 0.92 0.10 -11.99
C ARG A 159 1.24 1.42 -11.29
N ASN A 160 2.50 1.89 -11.42
CA ASN A 160 2.85 3.12 -10.72
C ASN A 160 2.42 4.42 -11.41
N GLU A 161 1.71 4.33 -12.52
CA GLU A 161 1.22 5.53 -13.22
C GLU A 161 -0.24 5.86 -12.90
N VAL A 162 -0.92 4.96 -12.22
CA VAL A 162 -2.34 5.18 -11.97
C VAL A 162 -2.73 4.62 -10.60
N ALA A 163 -3.91 4.98 -10.15
CA ALA A 163 -4.39 4.47 -8.87
C ALA A 163 -4.66 2.96 -8.91
N PRO A 164 -4.79 2.33 -7.73
CA PRO A 164 -5.05 0.89 -7.64
C PRO A 164 -6.41 0.64 -8.29
N HIS A 165 -6.53 -0.46 -9.05
CA HIS A 165 -7.80 -0.78 -9.75
C HIS A 165 -7.61 -2.17 -10.36
N ILE A 166 -8.68 -2.93 -10.47
CA ILE A 166 -8.60 -4.27 -11.08
C ILE A 166 -8.17 -4.10 -12.56
N PHE A 167 -8.53 -2.97 -13.18
CA PHE A 167 -8.12 -2.76 -14.58
C PHE A 167 -6.57 -2.58 -14.64
N ALA A 168 -5.96 -2.04 -13.58
CA ALA A 168 -4.50 -1.85 -13.66
C ALA A 168 -3.76 -3.21 -13.66
N ILE A 169 -4.25 -4.13 -12.84
CA ILE A 169 -3.64 -5.47 -12.75
C ILE A 169 -3.85 -6.13 -14.10
N SER A 170 -5.04 -5.96 -14.67
CA SER A 170 -5.38 -6.61 -15.93
C SER A 170 -4.53 -6.08 -17.08
N ASP A 171 -4.32 -4.76 -17.12
CA ASP A 171 -3.55 -4.17 -18.21
C ASP A 171 -2.10 -4.59 -18.15
N VAL A 172 -1.53 -4.58 -16.94
CA VAL A 172 -0.15 -5.00 -16.77
C VAL A 172 0.05 -6.45 -17.22
N ALA A 173 -0.90 -7.32 -16.87
CA ALA A 173 -0.79 -8.71 -17.28
C ALA A 173 -0.85 -8.80 -18.81
N TYR A 174 -1.73 -8.05 -19.41
CA TYR A 174 -1.88 -8.11 -20.88
C TYR A 174 -0.60 -7.61 -21.58
N ARG A 175 -0.03 -6.51 -21.09
CA ARG A 175 1.21 -5.98 -21.74
C ARG A 175 2.36 -6.95 -21.55
N SER A 176 2.47 -7.52 -20.36
CA SER A 176 3.52 -8.51 -20.12
C SER A 176 3.35 -9.73 -21.04
N MET A 177 2.10 -10.15 -21.27
CA MET A 177 1.87 -11.28 -22.17
C MET A 177 2.41 -10.93 -23.59
N LEU A 178 2.07 -9.75 -24.09
CA LEU A 178 2.53 -9.33 -25.41
C LEU A 178 4.06 -9.09 -25.48
N ASP A 179 4.59 -8.31 -24.54
CA ASP A 179 6.02 -8.02 -24.49
C ASP A 179 6.94 -9.20 -24.26
N ASP A 180 6.53 -10.09 -23.37
CA ASP A 180 7.34 -11.24 -23.03
C ASP A 180 6.98 -12.54 -23.72
N ARG A 181 5.90 -12.53 -24.47
CA ARG A 181 5.42 -13.75 -25.10
C ARG A 181 5.36 -14.85 -24.07
N GLN A 182 4.69 -14.58 -22.96
CA GLN A 182 4.60 -15.56 -21.90
C GLN A 182 3.16 -15.57 -21.37
N ASN A 183 2.65 -16.74 -21.01
CA ASN A 183 1.30 -16.78 -20.48
C ASN A 183 1.32 -16.18 -19.08
N GLN A 184 0.15 -15.68 -18.65
CA GLN A 184 0.04 -15.02 -17.37
C GLN A 184 -1.06 -15.72 -16.55
N SER A 185 -1.00 -15.60 -15.23
CA SER A 185 -2.06 -16.20 -14.39
C SER A 185 -2.45 -15.08 -13.42
N LEU A 186 -3.69 -15.08 -12.97
CA LEU A 186 -4.18 -14.08 -12.04
C LEU A 186 -4.83 -14.98 -10.98
N LEU A 187 -4.26 -15.01 -9.78
CA LEU A 187 -4.75 -15.84 -8.69
C LEU A 187 -5.61 -14.96 -7.81
N ILE A 188 -6.90 -15.28 -7.77
CA ILE A 188 -7.81 -14.43 -7.02
C ILE A 188 -8.51 -15.16 -5.88
N THR A 189 -8.50 -14.56 -4.69
CA THR A 189 -9.16 -15.19 -3.55
C THR A 189 -10.42 -14.42 -3.11
N GLY A 190 -11.25 -15.09 -2.30
CA GLY A 190 -12.45 -14.43 -1.78
C GLY A 190 -13.61 -15.41 -1.71
N GLU A 191 -14.23 -15.51 -0.53
CA GLU A 191 -15.38 -16.37 -0.32
C GLU A 191 -16.61 -15.66 -0.90
N SER A 192 -17.71 -16.37 -1.05
CA SER A 192 -18.93 -15.74 -1.60
C SER A 192 -19.31 -14.50 -0.77
N GLY A 193 -19.60 -13.41 -1.48
CA GLY A 193 -19.89 -12.16 -0.81
C GLY A 193 -18.67 -11.22 -0.85
N ALA A 194 -17.49 -11.76 -1.19
CA ALA A 194 -16.29 -10.90 -1.18
C ALA A 194 -16.15 -10.05 -2.44
N GLY A 195 -16.91 -10.39 -3.47
CA GLY A 195 -16.81 -9.67 -4.74
C GLY A 195 -15.80 -10.25 -5.74
N LYS A 196 -15.42 -11.50 -5.51
CA LYS A 196 -14.47 -12.19 -6.39
C LYS A 196 -15.09 -12.47 -7.77
N THR A 197 -16.35 -12.91 -7.81
CA THR A 197 -17.04 -13.19 -9.10
C THR A 197 -17.13 -11.90 -9.92
N GLU A 198 -17.55 -10.81 -9.27
CA GLU A 198 -17.59 -9.53 -9.96
C GLU A 198 -16.21 -9.02 -10.42
N ASN A 199 -15.16 -9.14 -9.58
CA ASN A 199 -13.87 -8.68 -10.06
C ASN A 199 -13.36 -9.51 -11.20
N THR A 200 -13.60 -10.83 -11.14
CA THR A 200 -13.19 -11.70 -12.23
C THR A 200 -13.94 -11.26 -13.51
N LYS A 201 -15.24 -10.94 -13.40
CA LYS A 201 -15.97 -10.44 -14.56
C LYS A 201 -15.33 -9.14 -15.09
N LYS A 202 -14.84 -8.24 -14.20
CA LYS A 202 -14.23 -7.01 -14.67
C LYS A 202 -12.92 -7.30 -15.40
N VAL A 203 -12.17 -8.29 -14.94
CA VAL A 203 -10.96 -8.63 -15.67
C VAL A 203 -11.32 -9.05 -17.10
N ILE A 204 -12.27 -9.94 -17.19
CA ILE A 204 -12.66 -10.42 -18.51
C ILE A 204 -13.17 -9.31 -19.41
N GLN A 205 -13.99 -8.42 -18.86
CA GLN A 205 -14.52 -7.31 -19.65
C GLN A 205 -13.43 -6.36 -20.09
N TYR A 206 -12.49 -6.11 -19.21
CA TYR A 206 -11.37 -5.24 -19.53
C TYR A 206 -10.54 -5.87 -20.66
N LEU A 207 -10.16 -7.14 -20.51
CA LEU A 207 -9.41 -7.82 -21.58
C LEU A 207 -10.18 -7.83 -22.90
N ALA A 208 -11.50 -8.10 -22.84
CA ALA A 208 -12.27 -8.10 -24.10
C ALA A 208 -12.29 -6.73 -24.75
N SER A 209 -12.23 -5.70 -23.92
CA SER A 209 -12.21 -4.35 -24.43
C SER A 209 -10.86 -3.93 -25.02
N VAL A 210 -9.75 -4.23 -24.35
CA VAL A 210 -8.50 -3.77 -24.92
C VAL A 210 -7.90 -4.72 -25.94
N ALA A 211 -8.38 -5.97 -25.96
CA ALA A 211 -7.89 -7.00 -26.90
C ALA A 211 -9.00 -7.44 -27.84
N GLY A 212 -10.03 -6.61 -27.92
CA GLY A 212 -11.17 -6.88 -28.79
C GLY A 212 -10.81 -6.54 -30.23
N ARG A 213 -11.38 -7.30 -31.13
CA ARG A 213 -11.16 -7.15 -32.55
C ARG A 213 -12.57 -7.16 -33.13
N ASN A 214 -13.43 -6.34 -32.53
CA ASN A 214 -14.86 -6.26 -32.84
C ASN A 214 -15.41 -5.57 -34.10
N GLN A 215 -14.58 -4.81 -34.81
CA GLN A 215 -15.10 -4.17 -36.00
C GLN A 215 -15.25 -5.22 -37.08
N ALA A 216 -16.43 -5.23 -37.70
CA ALA A 216 -16.84 -6.18 -38.74
C ALA A 216 -17.76 -7.24 -38.10
N ASN A 217 -17.19 -8.04 -37.19
CA ASN A 217 -17.89 -9.13 -36.48
C ASN A 217 -18.59 -8.84 -35.15
N GLY A 218 -18.33 -7.67 -34.54
CA GLY A 218 -18.95 -7.40 -33.26
C GLY A 218 -18.23 -8.28 -32.25
N SER A 219 -18.66 -8.29 -30.99
CA SER A 219 -17.94 -9.08 -29.99
C SER A 219 -18.52 -10.46 -29.71
N GLY A 220 -19.48 -10.88 -30.54
CA GLY A 220 -20.08 -12.20 -30.39
C GLY A 220 -20.62 -12.50 -29.00
N VAL A 221 -20.58 -13.77 -28.60
CA VAL A 221 -21.13 -14.14 -27.32
C VAL A 221 -20.15 -14.82 -26.36
N LEU A 222 -18.87 -14.77 -26.69
CA LEU A 222 -17.87 -15.45 -25.84
C LEU A 222 -17.92 -14.91 -24.42
N GLU A 223 -17.90 -13.60 -24.25
CA GLU A 223 -17.95 -13.06 -22.87
C GLU A 223 -19.16 -13.59 -22.10
N GLN A 224 -20.33 -13.53 -22.76
CA GLN A 224 -21.56 -14.01 -22.18
C GLN A 224 -21.45 -15.49 -21.81
N GLN A 225 -20.89 -16.31 -22.71
CA GLN A 225 -20.73 -17.73 -22.41
C GLN A 225 -19.82 -18.00 -21.19
N ILE A 226 -18.70 -17.27 -21.12
CA ILE A 226 -17.80 -17.46 -19.99
C ILE A 226 -18.53 -17.14 -18.70
N LEU A 227 -19.29 -16.05 -18.71
CA LEU A 227 -20.00 -15.67 -17.49
C LEU A 227 -21.09 -16.68 -17.11
N GLN A 228 -21.77 -17.22 -18.12
CA GLN A 228 -22.84 -18.20 -17.88
C GLN A 228 -22.29 -19.56 -17.44
N ALA A 229 -21.00 -19.81 -17.64
CA ALA A 229 -20.48 -21.06 -17.15
C ALA A 229 -20.58 -21.02 -15.59
N ASN A 230 -20.56 -19.81 -15.00
CA ASN A 230 -20.54 -19.74 -13.52
C ASN A 230 -21.68 -20.38 -12.79
N PRO A 231 -22.92 -20.01 -13.17
CA PRO A 231 -24.05 -20.62 -12.47
C PRO A 231 -24.06 -22.14 -12.62
N ILE A 232 -23.58 -22.66 -13.76
CA ILE A 232 -23.57 -24.12 -13.93
C ILE A 232 -22.52 -24.72 -13.01
N LEU A 233 -21.29 -24.22 -13.08
CA LEU A 233 -20.24 -24.80 -12.23
C LEU A 233 -20.55 -24.60 -10.72
N GLU A 234 -21.15 -23.48 -10.35
CA GLU A 234 -21.50 -23.27 -8.93
C GLU A 234 -22.62 -24.21 -8.52
N ALA A 235 -23.58 -24.48 -9.41
CA ALA A 235 -24.65 -25.39 -9.00
C ALA A 235 -24.10 -26.79 -8.66
N PHE A 236 -23.10 -27.26 -9.42
CA PHE A 236 -22.58 -28.60 -9.18
C PHE A 236 -21.33 -28.65 -8.28
N GLY A 237 -20.69 -27.50 -8.09
CA GLY A 237 -19.45 -27.47 -7.34
C GLY A 237 -19.45 -26.63 -6.06
N ASN A 238 -20.55 -25.92 -5.81
CA ASN A 238 -20.63 -25.12 -4.59
C ASN A 238 -21.71 -25.70 -3.67
N ALA A 239 -21.53 -25.44 -2.37
CA ALA A 239 -22.44 -25.93 -1.35
C ALA A 239 -22.43 -25.02 -0.14
N LYS A 240 -23.46 -25.15 0.68
CA LYS A 240 -23.52 -24.44 1.94
C LYS A 240 -22.66 -25.23 2.95
N THR A 241 -21.71 -24.54 3.62
CA THR A 241 -20.90 -25.18 4.70
C THR A 241 -21.26 -24.44 6.00
N THR A 242 -20.66 -24.75 7.16
CA THR A 242 -21.08 -23.94 8.34
C THR A 242 -20.53 -22.55 8.29
N ARG A 243 -19.53 -22.30 7.45
CA ARG A 243 -19.04 -20.92 7.41
C ARG A 243 -19.43 -20.06 6.21
N ASN A 244 -19.93 -20.67 5.14
CA ASN A 244 -20.37 -19.83 4.02
C ASN A 244 -21.51 -20.50 3.28
N ASN A 245 -22.53 -19.73 2.93
CA ASN A 245 -23.70 -20.26 2.24
C ASN A 245 -23.43 -20.72 0.80
N ASN A 246 -22.32 -20.30 0.21
CA ASN A 246 -22.04 -20.63 -1.19
C ASN A 246 -20.54 -20.83 -1.37
N SER A 247 -20.05 -21.93 -0.82
CA SER A 247 -18.63 -22.25 -0.82
C SER A 247 -18.20 -23.08 -2.00
N SER A 248 -17.16 -22.66 -2.72
CA SER A 248 -16.66 -23.45 -3.85
C SER A 248 -15.86 -24.63 -3.30
N ARG A 249 -16.24 -25.84 -3.73
CA ARG A 249 -15.56 -27.04 -3.27
C ARG A 249 -14.71 -27.62 -4.41
N PHE A 250 -14.21 -26.75 -5.27
CA PHE A 250 -13.33 -27.20 -6.39
C PHE A 250 -12.50 -26.02 -6.83
N GLY A 251 -11.48 -26.27 -7.65
CA GLY A 251 -10.67 -25.19 -8.15
C GLY A 251 -10.91 -25.06 -9.65
N LYS A 252 -10.76 -23.86 -10.18
CA LYS A 252 -10.94 -23.72 -11.62
C LYS A 252 -9.97 -22.69 -12.17
N PHE A 253 -9.53 -22.96 -13.38
CA PHE A 253 -8.58 -22.08 -14.02
C PHE A 253 -9.26 -21.75 -15.34
N ILE A 254 -9.65 -20.49 -15.48
CA ILE A 254 -10.31 -20.00 -16.69
C ILE A 254 -9.25 -19.30 -17.56
N GLU A 255 -8.89 -19.90 -18.69
CA GLU A 255 -7.90 -19.27 -19.59
C GLU A 255 -8.62 -18.36 -20.56
N ILE A 256 -8.26 -17.08 -20.57
CA ILE A 256 -8.77 -16.15 -21.57
C ILE A 256 -7.62 -16.32 -22.59
N GLN A 257 -7.96 -16.74 -23.82
CA GLN A 257 -6.94 -17.07 -24.83
C GLN A 257 -6.82 -16.02 -25.91
N PHE A 258 -5.62 -15.87 -26.46
CA PHE A 258 -5.36 -14.85 -27.45
C PHE A 258 -4.59 -15.42 -28.63
N ASN A 259 -4.76 -14.83 -29.81
CA ASN A 259 -3.99 -15.30 -30.96
C ASN A 259 -2.61 -14.61 -30.95
N SER A 260 -1.73 -14.98 -31.90
CA SER A 260 -0.37 -14.41 -31.93
C SER A 260 -0.30 -12.89 -32.06
N ALA A 261 -1.34 -12.27 -32.59
CA ALA A 261 -1.36 -10.82 -32.69
C ALA A 261 -1.90 -10.16 -31.39
N GLY A 262 -2.20 -10.95 -30.36
CA GLY A 262 -2.72 -10.38 -29.13
C GLY A 262 -4.22 -10.12 -29.00
N PHE A 263 -5.05 -10.70 -29.88
CA PHE A 263 -6.49 -10.45 -29.81
C PHE A 263 -7.17 -11.67 -29.20
N ILE A 264 -8.27 -11.45 -28.51
CA ILE A 264 -8.95 -12.57 -27.88
C ILE A 264 -9.46 -13.55 -28.91
N SER A 265 -9.18 -14.84 -28.69
CA SER A 265 -9.55 -15.90 -29.62
C SER A 265 -10.49 -16.95 -29.04
N GLY A 266 -10.67 -16.95 -27.72
CA GLY A 266 -11.53 -17.94 -27.10
C GLY A 266 -11.18 -18.02 -25.61
N ALA A 267 -11.68 -19.07 -24.97
CA ALA A 267 -11.41 -19.28 -23.53
C ALA A 267 -11.50 -20.78 -23.28
N SER A 268 -11.06 -21.20 -22.08
CA SER A 268 -11.19 -22.60 -21.74
C SER A 268 -11.25 -22.66 -20.20
N ILE A 269 -11.89 -23.69 -19.69
CA ILE A 269 -11.95 -23.87 -18.23
C ILE A 269 -11.38 -25.20 -17.90
N GLN A 270 -10.62 -25.25 -16.82
CA GLN A 270 -10.11 -26.55 -16.37
C GLN A 270 -10.44 -26.60 -14.87
N SER A 271 -11.05 -27.71 -14.43
CA SER A 271 -11.39 -27.83 -12.99
C SER A 271 -10.41 -28.74 -12.29
N TYR A 272 -10.33 -28.64 -10.95
CA TYR A 272 -9.41 -29.46 -10.20
C TYR A 272 -10.02 -29.75 -8.82
N LEU A 273 -9.66 -30.89 -8.30
CA LEU A 273 -9.96 -31.21 -6.92
C LEU A 273 -11.35 -31.03 -6.34
N LEU A 274 -12.34 -31.53 -7.05
CA LEU A 274 -13.72 -31.45 -6.55
C LEU A 274 -13.88 -32.34 -5.31
N GLU A 275 -14.63 -31.88 -4.33
CA GLU A 275 -14.83 -32.64 -3.05
C GLU A 275 -15.98 -33.61 -3.25
N LYS A 276 -15.67 -34.77 -3.82
CA LYS A 276 -16.74 -35.72 -4.11
C LYS A 276 -17.36 -36.35 -2.88
N SER A 277 -16.65 -36.32 -1.76
CA SER A 277 -17.21 -36.94 -0.56
C SER A 277 -18.53 -36.31 -0.12
N ARG A 278 -18.69 -35.03 -0.42
CA ARG A 278 -19.93 -34.31 0.00
C ARG A 278 -21.21 -34.85 -0.65
N VAL A 279 -21.06 -35.49 -1.81
CA VAL A 279 -22.24 -36.04 -2.45
C VAL A 279 -22.90 -37.09 -1.58
N VAL A 280 -22.13 -37.84 -0.80
CA VAL A 280 -22.75 -38.91 -0.03
C VAL A 280 -22.85 -38.68 1.46
N PHE A 281 -22.24 -37.61 1.96
CA PHE A 281 -22.31 -37.30 3.38
C PHE A 281 -22.06 -35.80 3.61
N GLN A 282 -22.86 -35.20 4.49
CA GLN A 282 -22.69 -33.79 4.84
C GLN A 282 -22.78 -33.66 6.38
N SER A 283 -21.91 -32.82 6.96
CA SER A 283 -21.87 -32.54 8.39
C SER A 283 -23.13 -31.79 8.80
N GLU A 284 -23.48 -31.85 10.09
CA GLU A 284 -24.66 -31.15 10.54
C GLU A 284 -24.68 -29.67 10.09
N THR A 285 -25.90 -29.23 9.73
CA THR A 285 -26.28 -27.92 9.18
C THR A 285 -25.69 -27.58 7.79
N GLU A 286 -24.90 -28.47 7.18
CA GLU A 286 -24.38 -28.14 5.83
C GLU A 286 -25.33 -28.74 4.78
N ARG A 287 -25.06 -28.45 3.52
CA ARG A 287 -25.85 -29.03 2.45
C ARG A 287 -24.95 -29.77 1.44
N ASN A 288 -25.61 -30.60 0.67
CA ASN A 288 -24.97 -31.29 -0.45
C ASN A 288 -24.83 -30.16 -1.50
N TYR A 289 -24.33 -30.48 -2.71
CA TYR A 289 -24.20 -29.46 -3.77
C TYR A 289 -25.54 -28.82 -4.14
N HIS A 290 -25.52 -27.54 -4.49
CA HIS A 290 -26.77 -26.83 -4.74
C HIS A 290 -27.69 -27.49 -5.78
N ILE A 291 -27.09 -28.13 -6.79
CA ILE A 291 -27.92 -28.68 -7.88
C ILE A 291 -28.97 -29.65 -7.40
N PHE A 292 -28.66 -30.45 -6.39
CA PHE A 292 -29.68 -31.38 -5.92
C PHE A 292 -30.95 -30.66 -5.44
N TYR A 293 -30.78 -29.60 -4.67
CA TYR A 293 -31.94 -28.82 -4.15
C TYR A 293 -32.62 -28.05 -5.27
N GLN A 294 -31.82 -27.51 -6.20
CA GLN A 294 -32.40 -26.77 -7.34
C GLN A 294 -33.31 -27.67 -8.17
N LEU A 295 -32.85 -28.90 -8.42
CA LEU A 295 -33.63 -29.79 -9.24
C LEU A 295 -34.92 -30.17 -8.51
N LEU A 296 -34.81 -30.56 -7.24
CA LEU A 296 -36.04 -30.98 -6.55
C LEU A 296 -37.04 -29.85 -6.40
N ALA A 297 -36.53 -28.62 -6.28
CA ALA A 297 -37.41 -27.44 -6.09
C ALA A 297 -37.97 -26.87 -7.39
N GLY A 298 -37.17 -26.89 -8.44
CA GLY A 298 -37.62 -26.28 -9.70
C GLY A 298 -38.06 -27.16 -10.85
N ALA A 299 -37.97 -28.48 -10.71
CA ALA A 299 -38.39 -29.35 -11.81
C ALA A 299 -39.90 -29.15 -12.01
N THR A 300 -40.38 -29.35 -13.23
CA THR A 300 -41.83 -29.22 -13.47
C THR A 300 -42.54 -30.49 -12.99
N ALA A 301 -43.86 -30.44 -12.91
CA ALA A 301 -44.60 -31.64 -12.51
C ALA A 301 -44.21 -32.83 -13.40
N GLU A 302 -44.12 -32.60 -14.71
CA GLU A 302 -43.80 -33.71 -15.62
C GLU A 302 -42.38 -34.23 -15.42
N GLU A 303 -41.45 -33.32 -15.17
CA GLU A 303 -40.07 -33.74 -14.93
C GLU A 303 -40.01 -34.55 -13.60
N LYS A 304 -40.70 -34.07 -12.57
CA LYS A 304 -40.73 -34.85 -11.31
C LYS A 304 -41.33 -36.23 -11.55
N LYS A 305 -42.34 -36.32 -12.40
CA LYS A 305 -42.99 -37.61 -12.64
C LYS A 305 -42.02 -38.57 -13.36
N ALA A 306 -41.39 -38.06 -14.40
CA ALA A 306 -40.46 -38.88 -15.20
C ALA A 306 -39.17 -39.26 -14.45
N LEU A 307 -38.69 -38.42 -13.53
CA LEU A 307 -37.46 -38.69 -12.76
C LEU A 307 -37.74 -39.28 -11.37
N HIS A 308 -39.01 -39.56 -11.08
CA HIS A 308 -39.45 -40.08 -9.77
C HIS A 308 -38.95 -39.21 -8.65
N LEU A 309 -39.14 -37.90 -8.78
CA LEU A 309 -38.64 -36.99 -7.74
C LEU A 309 -39.63 -36.76 -6.61
N ALA A 310 -39.13 -36.26 -5.49
CA ALA A 310 -39.92 -35.92 -4.29
C ALA A 310 -39.12 -34.82 -3.55
N GLY A 311 -39.53 -34.48 -2.33
CA GLY A 311 -38.85 -33.43 -1.59
C GLY A 311 -37.50 -33.90 -1.10
N PRO A 312 -36.58 -32.97 -0.74
CA PRO A 312 -35.24 -33.36 -0.25
C PRO A 312 -35.29 -34.25 0.98
N GLU A 313 -36.35 -34.08 1.79
CA GLU A 313 -36.51 -34.91 3.00
C GLU A 313 -36.63 -36.40 2.62
N SER A 314 -37.01 -36.71 1.38
CA SER A 314 -37.19 -38.11 0.98
C SER A 314 -35.92 -38.84 0.52
N PHE A 315 -34.80 -38.12 0.45
CA PHE A 315 -33.53 -38.74 0.02
C PHE A 315 -32.44 -38.75 1.08
N ASN A 316 -31.88 -39.93 1.29
CA ASN A 316 -30.81 -40.12 2.28
C ASN A 316 -29.65 -39.15 2.05
N TYR A 317 -29.32 -38.88 0.79
CA TYR A 317 -28.21 -37.98 0.56
C TYR A 317 -28.50 -36.49 0.82
N LEU A 318 -29.76 -36.15 1.11
CA LEU A 318 -30.14 -34.73 1.37
C LEU A 318 -30.85 -34.55 2.74
N ASN A 319 -31.06 -35.64 3.45
CA ASN A 319 -31.82 -35.53 4.68
C ASN A 319 -31.08 -35.85 5.95
N GLN A 320 -29.76 -35.90 5.89
CA GLN A 320 -29.03 -36.22 7.08
C GLN A 320 -28.50 -35.01 7.89
N SER A 321 -28.19 -33.90 7.21
CA SER A 321 -27.61 -32.74 7.91
C SER A 321 -28.59 -31.85 8.71
N GLY A 322 -29.88 -31.97 8.43
CA GLY A 322 -30.90 -31.20 9.10
C GLY A 322 -31.16 -29.87 8.40
N CYS A 323 -30.41 -29.62 7.33
CA CYS A 323 -30.59 -28.36 6.60
C CYS A 323 -30.87 -28.65 5.14
N VAL A 324 -32.03 -28.23 4.64
CA VAL A 324 -32.32 -28.40 3.20
C VAL A 324 -32.51 -27.08 2.48
N ASP A 325 -32.52 -25.96 3.21
CA ASP A 325 -32.62 -24.69 2.51
C ASP A 325 -31.69 -23.67 3.08
N ILE A 326 -31.52 -22.58 2.33
CA ILE A 326 -30.64 -21.49 2.71
C ILE A 326 -31.48 -20.22 2.83
N LYS A 327 -31.42 -19.59 4.00
CA LYS A 327 -32.18 -18.36 4.23
C LYS A 327 -31.91 -17.33 3.10
N GLY A 328 -32.98 -16.89 2.44
CA GLY A 328 -32.81 -15.89 1.38
C GLY A 328 -32.51 -16.42 -0.01
N VAL A 329 -32.39 -17.74 -0.13
CA VAL A 329 -32.08 -18.37 -1.43
C VAL A 329 -33.28 -19.19 -1.84
N SER A 330 -33.78 -18.95 -3.06
CA SER A 330 -34.86 -19.74 -3.63
C SER A 330 -34.22 -20.75 -4.56
N ASP A 331 -34.18 -22.01 -4.16
CA ASP A 331 -33.55 -23.00 -5.04
C ASP A 331 -34.30 -23.12 -6.34
N SER A 332 -35.61 -22.86 -6.33
CA SER A 332 -36.34 -22.97 -7.58
C SER A 332 -35.93 -21.83 -8.52
N GLU A 333 -35.78 -20.61 -8.00
CA GLU A 333 -35.37 -19.52 -8.88
C GLU A 333 -33.91 -19.73 -9.36
N GLU A 334 -33.09 -20.32 -8.50
CA GLU A 334 -31.68 -20.61 -8.86
C GLU A 334 -31.67 -21.69 -9.97
N PHE A 335 -32.59 -22.65 -9.88
CA PHE A 335 -32.64 -23.68 -10.95
C PHE A 335 -32.98 -23.02 -12.29
N LYS A 336 -33.87 -22.03 -12.26
CA LYS A 336 -34.22 -21.33 -13.51
C LYS A 336 -32.99 -20.69 -14.16
N ILE A 337 -32.15 -20.09 -13.33
CA ILE A 337 -30.92 -19.46 -13.80
C ILE A 337 -29.95 -20.54 -14.35
N THR A 338 -29.84 -21.63 -13.62
CA THR A 338 -28.98 -22.70 -14.11
C THR A 338 -29.42 -23.21 -15.50
N ARG A 339 -30.72 -23.41 -15.71
CA ARG A 339 -31.16 -23.91 -17.02
C ARG A 339 -30.92 -22.89 -18.15
N GLN A 340 -31.21 -21.63 -17.85
CA GLN A 340 -30.99 -20.55 -18.83
C GLN A 340 -29.49 -20.56 -19.21
N ALA A 341 -28.60 -20.71 -18.23
CA ALA A 341 -27.16 -20.76 -18.49
C ALA A 341 -26.82 -21.94 -19.40
N MET A 342 -27.42 -23.10 -19.12
CA MET A 342 -27.20 -24.30 -19.94
C MET A 342 -27.63 -24.05 -21.38
N ASP A 343 -28.73 -23.33 -21.57
CA ASP A 343 -29.15 -22.99 -22.95
C ASP A 343 -28.05 -22.16 -23.64
N ILE A 344 -27.56 -21.13 -22.95
CA ILE A 344 -26.56 -20.22 -23.52
C ILE A 344 -25.22 -20.86 -23.87
N VAL A 345 -24.76 -21.77 -23.02
CA VAL A 345 -23.51 -22.46 -23.34
C VAL A 345 -23.69 -23.63 -24.29
N GLY A 346 -24.90 -23.79 -24.79
CA GLY A 346 -25.13 -24.79 -25.82
C GLY A 346 -25.60 -26.22 -25.54
N PHE A 347 -26.03 -26.52 -24.31
CA PHE A 347 -26.50 -27.87 -23.98
C PHE A 347 -27.88 -28.01 -24.63
N SER A 348 -28.13 -29.09 -25.38
CA SER A 348 -29.46 -29.29 -25.97
C SER A 348 -30.49 -29.62 -24.85
N GLN A 349 -31.77 -29.48 -25.16
CA GLN A 349 -32.76 -29.84 -24.15
C GLN A 349 -32.58 -31.31 -23.71
N GLU A 350 -32.20 -32.19 -24.66
CA GLU A 350 -32.03 -33.60 -24.31
C GLU A 350 -30.81 -33.81 -23.44
N GLU A 351 -29.76 -33.08 -23.71
CA GLU A 351 -28.55 -33.22 -22.87
C GLU A 351 -28.89 -32.68 -21.49
N GLN A 352 -29.67 -31.61 -21.41
CA GLN A 352 -30.00 -31.09 -20.07
C GLN A 352 -30.83 -32.13 -19.30
N MET A 353 -31.78 -32.77 -19.98
CA MET A 353 -32.59 -33.78 -19.27
C MET A 353 -31.70 -34.97 -18.85
N SER A 354 -30.71 -35.31 -19.66
CA SER A 354 -29.83 -36.41 -19.25
C SER A 354 -29.01 -36.03 -18.02
N ILE A 355 -28.56 -34.77 -17.98
CA ILE A 355 -27.82 -34.31 -16.80
C ILE A 355 -28.73 -34.44 -15.53
N PHE A 356 -29.98 -33.99 -15.65
CA PHE A 356 -30.89 -34.09 -14.51
C PHE A 356 -31.24 -35.54 -14.13
N LYS A 357 -31.29 -36.43 -15.12
CA LYS A 357 -31.53 -37.85 -14.87
C LYS A 357 -30.37 -38.41 -14.07
N ILE A 358 -29.15 -37.98 -14.40
CA ILE A 358 -28.03 -38.51 -13.63
C ILE A 358 -28.10 -37.98 -12.18
N ILE A 359 -28.48 -36.71 -12.01
CA ILE A 359 -28.55 -36.15 -10.64
C ILE A 359 -29.67 -36.90 -9.90
N ALA A 360 -30.78 -37.14 -10.58
CA ALA A 360 -31.88 -37.90 -9.96
C ALA A 360 -31.42 -39.33 -9.63
N GLY A 361 -30.70 -39.94 -10.59
CA GLY A 361 -30.24 -41.31 -10.36
C GLY A 361 -29.33 -41.43 -9.15
N ILE A 362 -28.48 -40.43 -8.94
CA ILE A 362 -27.58 -40.44 -7.75
C ILE A 362 -28.44 -40.42 -6.50
N LEU A 363 -29.47 -39.59 -6.50
CA LEU A 363 -30.34 -39.56 -5.34
C LEU A 363 -31.04 -40.92 -5.11
N HIS A 364 -31.48 -41.58 -6.19
CA HIS A 364 -32.14 -42.87 -6.01
C HIS A 364 -31.14 -43.92 -5.54
N LEU A 365 -29.93 -43.90 -6.10
CA LEU A 365 -28.90 -44.85 -5.63
C LEU A 365 -28.72 -44.69 -4.12
N GLY A 366 -28.71 -43.44 -3.66
CA GLY A 366 -28.53 -43.18 -2.25
C GLY A 366 -29.63 -43.75 -1.35
N ASN A 367 -30.80 -44.01 -1.94
CA ASN A 367 -31.91 -44.56 -1.20
C ASN A 367 -31.98 -46.08 -1.18
N ILE A 368 -31.08 -46.74 -1.88
CA ILE A 368 -31.05 -48.21 -1.87
C ILE A 368 -30.61 -48.64 -0.47
N LYS A 369 -31.39 -49.52 0.16
CA LYS A 369 -31.08 -50.00 1.50
C LYS A 369 -30.68 -51.48 1.38
N PHE A 370 -29.42 -51.79 1.60
CA PHE A 370 -28.94 -53.16 1.55
C PHE A 370 -29.22 -53.81 2.90
N GLU A 371 -29.67 -55.07 2.87
CA GLU A 371 -29.99 -55.84 4.09
C GLU A 371 -29.25 -57.16 4.10
N LYS A 372 -28.92 -57.64 5.31
CA LYS A 372 -28.26 -58.93 5.44
C LYS A 372 -29.33 -59.94 5.05
N GLY A 373 -29.01 -60.82 4.10
CA GLY A 373 -29.97 -61.81 3.66
C GLY A 373 -30.14 -62.95 4.62
N ALA A 374 -29.83 -64.15 4.15
CA ALA A 374 -29.94 -65.35 4.99
C ALA A 374 -28.67 -65.48 5.84
N GLY A 375 -27.52 -65.34 5.18
CA GLY A 375 -26.23 -65.44 5.85
C GLY A 375 -25.63 -64.05 5.94
N GLU A 376 -24.39 -63.88 5.49
CA GLU A 376 -23.77 -62.56 5.57
C GLU A 376 -24.15 -61.73 4.33
N GLY A 377 -24.45 -62.41 3.24
CA GLY A 377 -24.78 -61.76 1.98
C GLY A 377 -25.83 -60.66 1.96
N ALA A 378 -25.51 -59.56 1.29
CA ALA A 378 -26.45 -58.46 1.17
C ALA A 378 -27.58 -58.81 0.22
N VAL A 379 -28.79 -58.35 0.51
CA VAL A 379 -29.89 -58.55 -0.42
C VAL A 379 -30.69 -57.28 -0.46
N LEU A 380 -31.51 -57.19 -1.49
CA LEU A 380 -32.37 -56.04 -1.71
C LEU A 380 -33.81 -56.51 -1.66
N LYS A 381 -34.50 -56.18 -0.59
CA LYS A 381 -35.89 -56.58 -0.43
C LYS A 381 -36.81 -55.70 -1.30
N ASP A 382 -36.75 -54.40 -1.03
CA ASP A 382 -37.56 -53.43 -1.74
C ASP A 382 -36.72 -52.93 -2.93
N LYS A 383 -37.19 -53.18 -4.13
CA LYS A 383 -36.46 -52.78 -5.34
C LYS A 383 -36.83 -51.37 -5.85
N THR A 384 -37.65 -50.64 -5.12
CA THR A 384 -38.10 -49.33 -5.57
C THR A 384 -36.96 -48.35 -5.98
N ALA A 385 -36.01 -48.11 -5.07
CA ALA A 385 -34.94 -47.15 -5.40
C ALA A 385 -34.06 -47.66 -6.50
N LEU A 386 -33.78 -48.97 -6.49
CA LEU A 386 -32.98 -49.58 -7.54
C LEU A 386 -33.65 -49.40 -8.88
N ASN A 387 -34.96 -49.65 -8.93
CA ASN A 387 -35.65 -49.53 -10.19
C ASN A 387 -35.72 -48.08 -10.71
N ALA A 388 -35.88 -47.15 -9.77
CA ALA A 388 -35.97 -45.71 -10.17
C ALA A 388 -34.59 -45.30 -10.69
N ALA A 389 -33.52 -45.70 -10.01
CA ALA A 389 -32.19 -45.33 -10.49
C ALA A 389 -31.97 -45.95 -11.87
N SER A 390 -32.28 -47.23 -12.02
CA SER A 390 -32.07 -47.89 -13.31
C SER A 390 -32.81 -47.25 -14.46
N THR A 391 -34.05 -46.84 -14.19
CA THR A 391 -34.87 -46.18 -15.20
C THR A 391 -34.24 -44.86 -15.65
N VAL A 392 -33.89 -43.99 -14.72
CA VAL A 392 -33.33 -42.73 -15.18
C VAL A 392 -31.95 -42.89 -15.78
N PHE A 393 -31.16 -43.87 -15.31
CA PHE A 393 -29.82 -44.11 -15.86
C PHE A 393 -29.84 -44.87 -17.19
N GLY A 394 -30.98 -45.48 -17.52
CA GLY A 394 -31.05 -46.22 -18.78
C GLY A 394 -30.25 -47.53 -18.70
N VAL A 395 -30.22 -48.14 -17.52
CA VAL A 395 -29.52 -49.43 -17.40
C VAL A 395 -30.43 -50.52 -16.88
N ASN A 396 -29.97 -51.76 -17.03
CA ASN A 396 -30.73 -52.94 -16.62
C ASN A 396 -30.65 -53.12 -15.11
N PRO A 397 -31.80 -53.08 -14.43
CA PRO A 397 -31.76 -53.24 -12.97
C PRO A 397 -31.17 -54.54 -12.44
N SER A 398 -31.38 -55.64 -13.14
CA SER A 398 -30.82 -56.92 -12.68
C SER A 398 -29.30 -56.84 -12.71
N VAL A 399 -28.76 -56.31 -13.81
CA VAL A 399 -27.32 -56.14 -13.97
C VAL A 399 -26.78 -55.19 -12.88
N LEU A 400 -27.51 -54.11 -12.61
CA LEU A 400 -27.05 -53.14 -11.62
C LEU A 400 -27.06 -53.79 -10.24
N GLU A 401 -28.11 -54.55 -9.95
CA GLU A 401 -28.22 -55.21 -8.65
C GLU A 401 -27.04 -56.16 -8.44
N LYS A 402 -26.70 -56.92 -9.47
CA LYS A 402 -25.60 -57.89 -9.34
C LYS A 402 -24.27 -57.18 -9.26
N ALA A 403 -24.12 -56.07 -10.00
CA ALA A 403 -22.86 -55.34 -10.00
C ALA A 403 -22.64 -54.66 -8.64
N LEU A 404 -23.72 -54.34 -7.94
CA LEU A 404 -23.61 -53.72 -6.62
C LEU A 404 -23.31 -54.74 -5.48
N MET A 405 -23.98 -55.89 -5.50
CA MET A 405 -23.84 -56.90 -4.43
C MET A 405 -23.01 -58.16 -4.76
N GLU A 406 -22.81 -58.45 -6.05
CA GLU A 406 -22.03 -59.60 -6.44
C GLU A 406 -21.06 -59.26 -7.54
N PRO A 407 -20.23 -58.23 -7.35
CA PRO A 407 -19.28 -57.85 -8.39
C PRO A 407 -18.26 -58.97 -8.61
N ARG A 408 -17.97 -59.25 -9.87
CA ARG A 408 -17.05 -60.33 -10.21
C ARG A 408 -15.62 -59.82 -10.35
N ILE A 409 -14.66 -60.67 -9.96
CA ILE A 409 -13.23 -60.35 -10.08
C ILE A 409 -12.54 -61.60 -10.62
N LEU A 410 -11.27 -61.49 -11.01
CA LEU A 410 -10.60 -62.68 -11.53
C LEU A 410 -9.78 -63.31 -10.42
N ALA A 411 -10.07 -64.58 -10.13
CA ALA A 411 -9.34 -65.34 -9.14
C ALA A 411 -8.52 -66.32 -9.97
N GLY A 412 -7.29 -65.94 -10.31
CA GLY A 412 -6.48 -66.77 -11.17
C GLY A 412 -7.07 -66.42 -12.53
N ARG A 413 -7.54 -67.41 -13.28
CA ARG A 413 -8.17 -67.13 -14.56
C ARG A 413 -9.71 -67.26 -14.45
N ASP A 414 -10.20 -67.71 -13.30
CA ASP A 414 -11.63 -67.92 -13.08
C ASP A 414 -12.40 -66.66 -12.62
N LEU A 415 -13.53 -66.38 -13.28
CA LEU A 415 -14.35 -65.23 -12.91
C LEU A 415 -15.17 -65.65 -11.69
N VAL A 416 -15.00 -64.94 -10.59
CA VAL A 416 -15.72 -65.27 -9.39
C VAL A 416 -16.47 -64.05 -8.86
N ALA A 417 -17.68 -64.29 -8.39
CA ALA A 417 -18.49 -63.23 -7.88
C ALA A 417 -18.19 -63.08 -6.40
N GLN A 418 -17.80 -61.88 -6.01
CA GLN A 418 -17.57 -61.67 -4.60
C GLN A 418 -18.90 -61.24 -4.05
N HIS A 419 -19.53 -62.08 -3.25
CA HIS A 419 -20.79 -61.71 -2.65
C HIS A 419 -20.55 -60.79 -1.48
N LEU A 420 -20.79 -59.50 -1.68
CA LEU A 420 -20.57 -58.52 -0.63
C LEU A 420 -21.58 -58.54 0.49
N ASN A 421 -21.16 -58.04 1.64
CA ASN A 421 -22.04 -57.94 2.78
C ASN A 421 -22.64 -56.53 2.69
N VAL A 422 -23.51 -56.20 3.65
CA VAL A 422 -24.16 -54.92 3.66
C VAL A 422 -23.26 -53.69 3.66
N GLU A 423 -22.19 -53.73 4.44
CA GLU A 423 -21.28 -52.61 4.55
C GLU A 423 -20.55 -52.37 3.24
N LYS A 424 -19.98 -53.44 2.69
CA LYS A 424 -19.28 -53.30 1.43
C LYS A 424 -20.23 -52.93 0.26
N SER A 425 -21.48 -53.39 0.29
CA SER A 425 -22.39 -53.03 -0.80
C SER A 425 -22.71 -51.53 -0.72
N SER A 426 -22.89 -51.05 0.52
CA SER A 426 -23.22 -49.63 0.75
C SER A 426 -22.02 -48.80 0.32
N SER A 427 -20.83 -49.30 0.63
CA SER A 427 -19.61 -48.59 0.29
C SER A 427 -19.40 -48.53 -1.24
N SER A 428 -19.69 -49.64 -1.91
CA SER A 428 -19.53 -49.72 -3.33
C SER A 428 -20.52 -48.77 -4.02
N ARG A 429 -21.73 -48.75 -3.50
CA ARG A 429 -22.79 -47.87 -4.03
C ARG A 429 -22.31 -46.41 -3.93
N ASP A 430 -21.74 -46.04 -2.77
CA ASP A 430 -21.23 -44.70 -2.57
C ASP A 430 -20.11 -44.40 -3.53
N ALA A 431 -19.21 -45.37 -3.75
CA ALA A 431 -18.10 -45.17 -4.67
C ALA A 431 -18.62 -44.94 -6.07
N LEU A 432 -19.67 -45.66 -6.46
CA LEU A 432 -20.28 -45.48 -7.79
C LEU A 432 -20.84 -44.06 -7.92
N VAL A 433 -21.52 -43.63 -6.87
CA VAL A 433 -22.10 -42.27 -6.86
C VAL A 433 -21.00 -41.19 -7.03
N LYS A 434 -19.93 -41.30 -6.26
CA LYS A 434 -18.87 -40.30 -6.36
C LYS A 434 -18.23 -40.34 -7.74
N ALA A 435 -18.13 -41.53 -8.33
CA ALA A 435 -17.54 -41.62 -9.67
C ALA A 435 -18.46 -40.95 -10.67
N LEU A 436 -19.75 -41.23 -10.59
CA LEU A 436 -20.72 -40.65 -11.51
C LEU A 436 -20.67 -39.12 -11.42
N TYR A 437 -20.64 -38.62 -10.19
CA TYR A 437 -20.64 -37.15 -9.98
C TYR A 437 -19.40 -36.49 -10.48
N GLY A 438 -18.24 -37.06 -10.17
CA GLY A 438 -17.01 -36.49 -10.67
C GLY A 438 -16.93 -36.55 -12.18
N ARG A 439 -17.30 -37.69 -12.77
CA ARG A 439 -17.22 -37.75 -14.22
C ARG A 439 -18.19 -36.77 -14.86
N LEU A 440 -19.37 -36.66 -14.26
CA LEU A 440 -20.35 -35.73 -14.81
C LEU A 440 -19.75 -34.30 -14.78
N PHE A 441 -19.09 -33.96 -13.66
CA PHE A 441 -18.50 -32.61 -13.54
C PHE A 441 -17.48 -32.37 -14.66
N LEU A 442 -16.61 -33.34 -14.92
CA LEU A 442 -15.62 -33.21 -16.01
C LEU A 442 -16.29 -33.08 -17.39
N TRP A 443 -17.38 -33.83 -17.61
CA TRP A 443 -18.12 -33.80 -18.87
C TRP A 443 -18.77 -32.38 -19.06
N LEU A 444 -19.36 -31.85 -18.00
CA LEU A 444 -19.93 -30.49 -18.06
C LEU A 444 -18.84 -29.47 -18.50
N VAL A 445 -17.67 -29.57 -17.89
CA VAL A 445 -16.58 -28.66 -18.27
C VAL A 445 -16.19 -28.84 -19.73
N LYS A 446 -16.01 -30.09 -20.13
CA LYS A 446 -15.63 -30.40 -21.50
C LYS A 446 -16.71 -29.85 -22.47
N LYS A 447 -17.98 -30.03 -22.15
CA LYS A 447 -19.08 -29.54 -23.02
C LYS A 447 -19.07 -28.01 -23.10
N ILE A 448 -18.86 -27.36 -21.97
CA ILE A 448 -18.79 -25.92 -22.00
C ILE A 448 -17.58 -25.49 -22.86
N ASN A 449 -16.46 -26.23 -22.73
CA ASN A 449 -15.32 -25.83 -23.53
C ASN A 449 -15.56 -26.04 -25.04
N ASN A 450 -16.56 -26.83 -25.37
CA ASN A 450 -16.84 -27.07 -26.79
C ASN A 450 -17.19 -25.75 -27.49
N VAL A 451 -17.85 -24.84 -26.77
CA VAL A 451 -18.19 -23.54 -27.34
C VAL A 451 -17.17 -22.47 -26.95
N LEU A 452 -16.56 -22.56 -25.76
CA LEU A 452 -15.59 -21.50 -25.40
C LEU A 452 -14.29 -21.54 -26.18
N CYS A 453 -13.83 -22.74 -26.51
CA CYS A 453 -12.53 -22.94 -27.13
C CYS A 453 -12.71 -23.56 -28.53
N GLN A 454 -12.75 -22.69 -29.53
CA GLN A 454 -12.95 -23.18 -30.90
C GLN A 454 -11.75 -22.89 -31.82
N GLU A 455 -10.74 -22.22 -31.28
CA GLU A 455 -9.52 -21.88 -32.02
C GLU A 455 -8.29 -22.22 -31.19
N ARG A 456 -7.21 -22.67 -31.82
CA ARG A 456 -6.03 -23.01 -31.03
C ARG A 456 -5.44 -21.68 -30.55
N LYS A 457 -5.12 -21.60 -29.28
CA LYS A 457 -4.56 -20.36 -28.72
C LYS A 457 -3.08 -20.20 -29.02
N ALA A 458 -2.60 -18.96 -28.94
CA ALA A 458 -1.17 -18.68 -29.03
C ALA A 458 -0.74 -18.44 -27.56
N TYR A 459 -1.53 -17.66 -26.82
CA TYR A 459 -1.20 -17.37 -25.42
C TYR A 459 -2.46 -17.32 -24.57
N PHE A 460 -2.27 -17.16 -23.26
CA PHE A 460 -3.47 -17.01 -22.40
C PHE A 460 -3.15 -16.23 -21.14
N ILE A 461 -4.21 -15.70 -20.52
CA ILE A 461 -4.13 -15.03 -19.24
C ILE A 461 -5.20 -15.84 -18.50
N GLY A 462 -4.77 -16.60 -17.49
CA GLY A 462 -5.68 -17.49 -16.78
C GLY A 462 -6.02 -17.04 -15.38
N VAL A 463 -7.29 -17.13 -15.02
CA VAL A 463 -7.71 -16.70 -13.69
C VAL A 463 -7.93 -17.95 -12.88
N LEU A 464 -7.25 -18.06 -11.74
CA LEU A 464 -7.40 -19.23 -10.91
C LEU A 464 -8.15 -18.92 -9.62
N ASP A 465 -9.13 -19.75 -9.28
CA ASP A 465 -9.71 -19.53 -7.97
C ASP A 465 -9.96 -20.88 -7.39
N ILE A 466 -9.59 -21.08 -6.12
CA ILE A 466 -9.82 -22.41 -5.52
C ILE A 466 -10.38 -22.20 -4.14
N SER A 467 -10.77 -23.29 -3.51
CA SER A 467 -11.36 -23.22 -2.16
C SER A 467 -10.39 -22.47 -1.24
N GLY A 468 -10.93 -21.54 -0.47
CA GLY A 468 -10.07 -20.79 0.43
C GLY A 468 -9.62 -21.56 1.67
N PHE A 469 -8.54 -21.06 2.30
CA PHE A 469 -8.02 -21.67 3.53
C PHE A 469 -9.20 -21.78 4.46
N GLU A 470 -9.34 -22.97 5.05
CA GLU A 470 -10.54 -23.31 5.80
C GLU A 470 -10.31 -23.78 7.23
N ILE A 471 -11.01 -23.17 8.19
CA ILE A 471 -10.88 -23.61 9.58
C ILE A 471 -12.23 -23.76 10.22
N PHE A 472 -12.56 -24.98 10.58
CA PHE A 472 -13.84 -25.23 11.23
C PHE A 472 -13.53 -25.68 12.65
N LYS A 473 -14.58 -25.85 13.46
CA LYS A 473 -14.41 -26.36 14.83
C LYS A 473 -13.78 -27.77 14.75
N VAL A 474 -14.23 -28.59 13.82
CA VAL A 474 -13.62 -29.90 13.65
C VAL A 474 -13.16 -29.97 12.18
N ASN A 475 -11.86 -30.15 11.95
CA ASN A 475 -11.31 -30.22 10.61
C ASN A 475 -10.93 -31.64 10.25
N SER A 476 -11.27 -32.07 9.04
CA SER A 476 -10.94 -33.43 8.64
C SER A 476 -9.99 -33.50 7.45
N PHE A 477 -9.91 -34.67 6.84
CA PHE A 477 -9.02 -34.88 5.69
C PHE A 477 -9.23 -33.85 4.58
N GLU A 478 -10.50 -33.60 4.28
CA GLU A 478 -10.86 -32.63 3.23
C GLU A 478 -10.26 -31.26 3.54
N GLN A 479 -10.29 -30.87 4.81
CA GLN A 479 -9.69 -29.58 5.19
C GLN A 479 -8.18 -29.60 5.05
N LEU A 480 -7.52 -30.70 5.42
CA LEU A 480 -6.05 -30.74 5.26
C LEU A 480 -5.72 -30.57 3.78
N CYS A 481 -6.44 -31.27 2.90
CA CYS A 481 -6.20 -31.16 1.47
C CYS A 481 -6.35 -29.70 0.95
N ILE A 482 -7.47 -29.08 1.29
CA ILE A 482 -7.71 -27.69 0.91
C ILE A 482 -6.60 -26.77 1.44
N ASN A 483 -6.22 -26.95 2.71
CA ASN A 483 -5.22 -26.07 3.30
C ASN A 483 -3.82 -26.30 2.78
N TYR A 484 -3.55 -27.54 2.38
CA TYR A 484 -2.27 -27.89 1.79
C TYR A 484 -2.21 -27.20 0.42
N THR A 485 -3.30 -27.26 -0.37
CA THR A 485 -3.35 -26.56 -1.67
C THR A 485 -3.06 -25.05 -1.44
N ASN A 486 -3.68 -24.47 -0.43
CA ASN A 486 -3.47 -23.04 -0.11
C ASN A 486 -2.00 -22.80 0.31
N GLU A 487 -1.44 -23.71 1.07
CA GLU A 487 -0.05 -23.56 1.48
C GLU A 487 0.89 -23.56 0.24
N LYS A 488 0.63 -24.45 -0.71
CA LYS A 488 1.47 -24.48 -1.91
C LYS A 488 1.28 -23.20 -2.73
N LEU A 489 0.06 -22.72 -2.84
CA LEU A 489 -0.14 -21.49 -3.62
C LEU A 489 0.50 -20.30 -2.89
N GLN A 490 0.51 -20.31 -1.57
CA GLN A 490 1.14 -19.18 -0.85
C GLN A 490 2.69 -19.25 -1.01
N GLN A 491 3.23 -20.47 -1.06
CA GLN A 491 4.67 -20.59 -1.30
C GLN A 491 4.97 -20.02 -2.70
N PHE A 492 4.10 -20.30 -3.66
CA PHE A 492 4.25 -19.81 -5.05
C PHE A 492 4.27 -18.26 -5.03
N PHE A 493 3.35 -17.65 -4.26
CA PHE A 493 3.37 -16.19 -4.13
C PHE A 493 4.72 -15.73 -3.49
N ASN A 494 5.12 -16.37 -2.39
CA ASN A 494 6.33 -16.01 -1.66
C ASN A 494 7.54 -16.04 -2.56
N HIS A 495 7.58 -17.04 -3.42
CA HIS A 495 8.69 -17.20 -4.33
C HIS A 495 8.70 -16.12 -5.38
N HIS A 496 7.53 -15.77 -5.91
CA HIS A 496 7.48 -14.70 -6.87
C HIS A 496 7.82 -13.33 -6.20
N MET A 497 7.35 -13.09 -5.00
CA MET A 497 7.65 -11.82 -4.29
C MET A 497 9.20 -11.74 -4.15
N PHE A 498 9.79 -12.86 -3.78
CA PHE A 498 11.27 -12.96 -3.65
C PHE A 498 11.98 -12.54 -4.95
N LYS A 499 11.60 -13.14 -6.08
CA LYS A 499 12.23 -12.77 -7.33
C LYS A 499 12.06 -11.28 -7.60
N LEU A 500 10.86 -10.74 -7.36
CA LEU A 500 10.68 -9.30 -7.61
C LEU A 500 11.50 -8.45 -6.65
N GLU A 501 11.53 -8.84 -5.38
CA GLU A 501 12.30 -8.06 -4.40
C GLU A 501 13.81 -8.12 -4.68
N GLN A 502 14.28 -9.31 -5.05
CA GLN A 502 15.70 -9.48 -5.39
C GLN A 502 16.04 -8.46 -6.46
N GLU A 503 15.21 -8.35 -7.51
CA GLU A 503 15.54 -7.40 -8.54
C GLU A 503 15.51 -5.94 -8.05
N GLU A 504 14.55 -5.56 -7.21
CA GLU A 504 14.51 -4.15 -6.73
C GLU A 504 15.76 -3.81 -5.87
N TYR A 505 16.16 -4.69 -4.96
CA TYR A 505 17.32 -4.43 -4.12
C TYR A 505 18.59 -4.37 -4.98
N LEU A 506 18.66 -5.23 -5.98
CA LEU A 506 19.84 -5.26 -6.86
C LEU A 506 19.92 -4.02 -7.72
N LYS A 507 18.78 -3.59 -8.26
CA LYS A 507 18.73 -2.38 -9.09
C LYS A 507 19.18 -1.14 -8.29
N GLU A 508 18.88 -1.13 -7.01
CA GLU A 508 19.29 0.01 -6.20
C GLU A 508 20.66 -0.20 -5.51
N LYS A 509 21.30 -1.36 -5.72
CA LYS A 509 22.58 -1.64 -5.09
C LYS A 509 22.49 -1.52 -3.56
N ILE A 510 21.41 -2.02 -2.98
CA ILE A 510 21.21 -1.95 -1.53
C ILE A 510 22.01 -3.04 -0.85
N ASN A 511 22.72 -2.66 0.21
CA ASN A 511 23.54 -3.60 0.99
C ASN A 511 22.70 -4.42 1.95
N TRP A 512 21.93 -5.39 1.43
CA TRP A 512 21.10 -6.29 2.26
C TRP A 512 20.82 -7.52 1.41
N THR A 513 20.94 -8.69 2.00
CA THR A 513 20.74 -9.91 1.23
C THR A 513 19.74 -10.76 1.95
N PHE A 514 19.07 -11.64 1.20
CA PHE A 514 18.06 -12.47 1.81
C PHE A 514 17.89 -13.64 0.90
N ILE A 515 17.33 -14.73 1.41
CA ILE A 515 17.13 -15.87 0.54
C ILE A 515 15.66 -16.06 0.19
N ASP A 516 15.44 -17.01 -0.71
CA ASP A 516 14.10 -17.29 -1.21
C ASP A 516 13.02 -17.38 -0.14
N PHE A 517 12.08 -16.44 -0.15
CA PHE A 517 10.99 -16.44 0.81
C PHE A 517 10.16 -17.72 0.72
N GLY A 518 10.13 -18.35 -0.45
CA GLY A 518 9.36 -19.59 -0.59
C GLY A 518 9.84 -20.67 0.41
N LEU A 519 11.11 -20.58 0.81
CA LEU A 519 11.62 -21.56 1.80
C LEU A 519 10.89 -21.47 3.15
N ASP A 520 10.34 -20.33 3.47
CA ASP A 520 9.63 -20.21 4.76
C ASP A 520 8.42 -21.15 4.83
N SER A 521 7.95 -21.60 3.67
CA SER A 521 6.80 -22.49 3.63
C SER A 521 7.20 -23.97 3.55
N GLN A 522 8.48 -24.23 3.28
CA GLN A 522 8.90 -25.60 3.06
C GLN A 522 8.70 -26.58 4.18
N ALA A 523 8.88 -26.12 5.41
CA ALA A 523 8.71 -26.99 6.56
C ALA A 523 7.28 -27.55 6.63
N THR A 524 6.29 -26.68 6.40
CA THR A 524 4.91 -27.13 6.47
C THR A 524 4.58 -28.04 5.28
N ILE A 525 5.02 -27.65 4.10
CA ILE A 525 4.73 -28.46 2.94
C ILE A 525 5.38 -29.83 3.12
N ASP A 526 6.64 -29.85 3.56
CA ASP A 526 7.31 -31.15 3.75
C ASP A 526 6.62 -32.00 4.82
N LEU A 527 6.12 -31.34 5.86
CA LEU A 527 5.42 -32.06 6.89
C LEU A 527 4.22 -32.79 6.30
N ILE A 528 3.59 -32.13 5.34
CA ILE A 528 2.40 -32.71 4.75
C ILE A 528 2.68 -33.70 3.63
N ASP A 529 3.50 -33.31 2.68
CA ASP A 529 3.71 -34.17 1.53
C ASP A 529 5.13 -34.62 1.29
N GLY A 530 5.99 -34.50 2.31
CA GLY A 530 7.36 -34.92 2.11
C GLY A 530 7.47 -36.41 1.82
N ARG A 531 8.55 -36.80 1.15
CA ARG A 531 8.71 -38.21 0.85
C ARG A 531 9.89 -38.74 1.64
N GLN A 532 10.87 -37.88 1.84
CA GLN A 532 12.05 -38.25 2.58
C GLN A 532 12.59 -37.11 3.43
N PRO A 533 12.27 -37.09 4.73
CA PRO A 533 11.46 -38.02 5.51
C PRO A 533 9.99 -37.93 5.11
N PRO A 534 9.27 -39.05 5.17
CA PRO A 534 7.86 -39.10 4.81
C PRO A 534 6.98 -38.17 5.62
N GLY A 535 6.08 -37.47 4.94
CA GLY A 535 5.19 -36.59 5.66
C GLY A 535 3.87 -37.27 5.98
N ILE A 536 2.91 -36.46 6.40
CA ILE A 536 1.60 -36.99 6.73
C ILE A 536 0.94 -37.79 5.62
N LEU A 537 0.89 -37.26 4.39
CA LEU A 537 0.24 -38.02 3.31
C LEU A 537 0.98 -39.37 3.05
N ALA A 538 2.30 -39.34 3.14
CA ALA A 538 3.08 -40.58 2.95
C ALA A 538 2.78 -41.61 4.05
N LEU A 539 2.62 -41.15 5.29
CA LEU A 539 2.36 -42.09 6.38
C LEU A 539 0.90 -42.58 6.30
N LEU A 540 0.00 -41.73 5.80
CA LEU A 540 -1.41 -42.12 5.63
C LEU A 540 -1.43 -43.23 4.55
N ASP A 541 -0.66 -43.04 3.47
CA ASP A 541 -0.60 -44.08 2.40
C ASP A 541 0.02 -45.38 2.99
N GLU A 542 1.09 -45.25 3.77
CA GLU A 542 1.73 -46.42 4.39
C GLU A 542 0.74 -47.20 5.29
N GLN A 543 -0.06 -46.44 6.02
CA GLN A 543 -1.03 -47.03 6.93
C GLN A 543 -2.29 -47.52 6.23
N SER A 544 -2.35 -47.34 4.91
CA SER A 544 -3.55 -47.75 4.16
C SER A 544 -3.32 -49.12 3.47
N VAL A 545 -2.17 -49.72 3.72
CA VAL A 545 -1.82 -50.99 3.07
C VAL A 545 -2.25 -52.29 3.78
N PHE A 546 -1.97 -52.37 5.07
CA PHE A 546 -2.25 -53.54 5.91
C PHE A 546 -3.44 -53.37 6.83
N PRO A 547 -4.18 -54.47 7.10
CA PRO A 547 -5.34 -54.35 7.95
C PRO A 547 -5.09 -54.18 9.43
N ASN A 548 -3.82 -54.20 9.84
CA ASN A 548 -3.47 -54.02 11.25
C ASN A 548 -3.74 -52.53 11.65
N ALA A 549 -3.69 -51.64 10.68
CA ALA A 549 -3.86 -50.21 10.96
C ALA A 549 -5.26 -49.77 11.33
N THR A 550 -5.33 -48.70 12.13
CA THR A 550 -6.60 -48.12 12.54
C THR A 550 -6.37 -46.59 12.58
N ASP A 551 -7.44 -45.82 12.82
CA ASP A 551 -7.28 -44.37 12.88
C ASP A 551 -6.34 -44.07 14.07
N ASN A 552 -6.44 -44.88 15.12
CA ASN A 552 -5.56 -44.69 16.28
C ASN A 552 -4.10 -45.06 16.02
N THR A 553 -3.81 -46.15 15.31
CA THR A 553 -2.41 -46.43 15.05
C THR A 553 -1.89 -45.37 14.07
N LEU A 554 -2.80 -44.82 13.26
CA LEU A 554 -2.33 -43.80 12.33
C LEU A 554 -1.86 -42.54 13.07
N ILE A 555 -2.67 -42.02 13.98
CA ILE A 555 -2.23 -40.79 14.69
C ILE A 555 -1.01 -41.06 15.60
N THR A 556 -0.94 -42.24 16.21
CA THR A 556 0.23 -42.58 17.02
C THR A 556 1.46 -42.51 16.14
N LYS A 557 1.34 -42.99 14.90
CA LYS A 557 2.49 -42.92 14.02
C LYS A 557 2.85 -41.48 13.63
N LEU A 558 1.82 -40.64 13.44
CA LEU A 558 2.08 -39.25 13.08
C LEU A 558 2.85 -38.61 14.27
N HIS A 559 2.33 -38.75 15.50
CA HIS A 559 3.03 -38.20 16.68
C HIS A 559 4.48 -38.72 16.79
N SER A 560 4.66 -40.01 16.52
CA SER A 560 5.99 -40.60 16.58
C SER A 560 6.97 -39.97 15.59
N HIS A 561 6.51 -39.70 14.37
CA HIS A 561 7.39 -39.13 13.38
C HIS A 561 7.59 -37.60 13.50
N PHE A 562 6.60 -36.90 14.02
CA PHE A 562 6.69 -35.44 14.04
C PHE A 562 6.66 -34.70 15.38
N SER A 563 6.06 -35.26 16.42
CA SER A 563 6.00 -34.55 17.68
C SER A 563 7.41 -34.24 18.19
N LYS A 564 7.66 -32.97 18.47
CA LYS A 564 8.96 -32.53 18.94
C LYS A 564 10.10 -32.75 17.94
N LYS A 565 9.78 -33.08 16.69
CA LYS A 565 10.84 -33.29 15.69
C LYS A 565 10.63 -32.36 14.51
N ASN A 566 9.38 -31.91 14.34
CA ASN A 566 9.07 -31.01 13.26
C ASN A 566 8.37 -29.81 13.89
N ALA A 567 8.99 -28.64 13.75
CA ALA A 567 8.50 -27.42 14.36
C ALA A 567 7.08 -27.03 13.95
N LYS A 568 6.65 -27.44 12.77
CA LYS A 568 5.31 -27.08 12.31
C LYS A 568 4.18 -28.03 12.75
N TYR A 569 4.53 -29.03 13.55
CA TYR A 569 3.58 -30.01 14.00
C TYR A 569 3.31 -29.97 15.50
N GLU A 570 2.08 -30.24 15.90
CA GLU A 570 1.83 -30.31 17.31
C GLU A 570 0.97 -31.49 17.75
N GLU A 571 1.48 -32.21 18.73
CA GLU A 571 0.73 -33.29 19.36
C GLU A 571 -0.02 -32.47 20.43
N PRO A 572 -1.35 -32.39 20.36
CA PRO A 572 -2.05 -31.60 21.37
C PRO A 572 -1.95 -32.17 22.77
N ARG A 573 -2.03 -31.27 23.72
CA ARG A 573 -1.94 -31.66 25.11
C ARG A 573 -3.19 -32.40 25.49
N PHE A 574 -4.36 -31.94 25.10
CA PHE A 574 -5.49 -32.73 25.51
C PHE A 574 -6.55 -33.22 24.51
N SER A 575 -6.06 -34.04 23.60
CA SER A 575 -6.91 -34.73 22.64
C SER A 575 -6.03 -35.86 22.22
N LYS A 576 -6.59 -37.05 22.05
CA LYS A 576 -5.78 -38.18 21.62
C LYS A 576 -6.02 -38.43 20.13
N THR A 577 -6.94 -37.66 19.55
CA THR A 577 -7.30 -37.86 18.16
C THR A 577 -7.09 -36.71 17.18
N GLU A 578 -6.44 -35.64 17.66
CA GLU A 578 -6.15 -34.48 16.79
C GLU A 578 -4.63 -34.21 16.69
N PHE A 579 -4.21 -33.55 15.61
CA PHE A 579 -2.83 -33.19 15.46
C PHE A 579 -2.87 -31.81 14.86
N GLY A 580 -1.87 -31.01 15.19
CA GLY A 580 -1.85 -29.66 14.69
C GLY A 580 -0.79 -29.38 13.65
N VAL A 581 -1.18 -28.54 12.69
CA VAL A 581 -0.25 -28.14 11.67
C VAL A 581 -0.25 -26.61 11.66
N THR A 582 0.94 -26.06 11.70
CA THR A 582 1.10 -24.61 11.64
C THR A 582 1.27 -24.20 10.19
N HIS A 583 0.20 -23.61 9.67
CA HIS A 583 0.17 -23.16 8.28
C HIS A 583 0.52 -21.65 8.27
N TYR A 584 0.70 -21.10 7.09
CA TYR A 584 1.04 -19.68 7.00
C TYR A 584 -0.11 -18.88 7.62
N ALA A 585 -1.30 -19.44 7.58
CA ALA A 585 -2.46 -18.71 8.09
C ALA A 585 -2.73 -19.01 9.56
N GLY A 586 -1.83 -19.76 10.19
CA GLY A 586 -2.01 -20.13 11.57
C GLY A 586 -2.19 -21.63 11.79
N GLN A 587 -2.34 -22.00 13.06
CA GLN A 587 -2.50 -23.41 13.37
C GLN A 587 -3.88 -23.92 13.14
N VAL A 588 -3.92 -25.14 12.60
CA VAL A 588 -5.19 -25.83 12.37
C VAL A 588 -5.08 -27.20 13.00
N MET A 589 -6.08 -27.55 13.79
CA MET A 589 -6.10 -28.86 14.44
C MET A 589 -6.99 -29.77 13.55
N TYR A 590 -6.47 -30.93 13.22
CA TYR A 590 -7.17 -31.93 12.38
C TYR A 590 -7.54 -33.21 13.18
N GLU A 591 -8.79 -33.64 13.06
CA GLU A 591 -9.34 -34.84 13.73
C GLU A 591 -9.08 -36.05 12.78
N ILE A 592 -8.41 -37.09 13.28
CA ILE A 592 -8.06 -38.27 12.46
C ILE A 592 -9.18 -39.26 12.12
N GLN A 593 -10.31 -39.13 12.77
CA GLN A 593 -11.42 -40.05 12.57
C GLN A 593 -11.72 -40.32 11.08
N ASP A 594 -11.78 -41.60 10.71
CA ASP A 594 -12.12 -42.01 9.34
C ASP A 594 -11.12 -41.72 8.21
N TRP A 595 -9.93 -41.22 8.53
CA TRP A 595 -8.96 -40.97 7.47
C TRP A 595 -8.58 -42.23 6.68
N LEU A 596 -8.44 -43.37 7.33
CA LEU A 596 -8.09 -44.58 6.56
C LEU A 596 -9.17 -44.89 5.51
N GLU A 597 -10.42 -44.81 5.91
CA GLU A 597 -11.53 -45.05 4.99
C GLU A 597 -11.55 -44.03 3.88
N LYS A 598 -11.34 -42.77 4.25
CA LYS A 598 -11.32 -41.71 3.25
C LYS A 598 -10.20 -41.81 2.23
N ASN A 599 -9.14 -42.56 2.54
CA ASN A 599 -8.05 -42.62 1.59
C ASN A 599 -8.27 -43.68 0.50
N LYS A 600 -9.31 -44.50 0.65
CA LYS A 600 -9.62 -45.61 -0.28
C LYS A 600 -10.61 -45.13 -1.31
N ASP A 601 -10.32 -45.45 -2.57
CA ASP A 601 -11.13 -44.98 -3.67
C ASP A 601 -11.30 -46.08 -4.74
N PRO A 602 -11.81 -47.26 -4.36
CA PRO A 602 -11.94 -48.28 -5.41
C PRO A 602 -13.32 -48.29 -6.05
N LEU A 603 -13.38 -48.66 -7.33
CA LEU A 603 -14.67 -48.74 -8.01
C LEU A 603 -14.70 -50.09 -8.74
N GLN A 604 -15.69 -50.90 -8.42
CA GLN A 604 -15.84 -52.25 -9.02
C GLN A 604 -15.98 -52.18 -10.54
N GLN A 605 -15.20 -52.99 -11.28
CA GLN A 605 -15.28 -52.94 -12.74
C GLN A 605 -16.66 -53.36 -13.24
N ASP A 606 -17.34 -54.26 -12.55
CA ASP A 606 -18.67 -54.66 -13.02
C ASP A 606 -19.66 -53.47 -13.01
N LEU A 607 -19.41 -52.46 -12.15
CA LEU A 607 -20.32 -51.29 -12.14
C LEU A 607 -20.05 -50.52 -13.42
N GLU A 608 -18.77 -50.34 -13.78
CA GLU A 608 -18.49 -49.64 -15.02
C GLU A 608 -19.08 -50.39 -16.22
N LEU A 609 -19.01 -51.72 -16.20
CA LEU A 609 -19.55 -52.53 -17.30
C LEU A 609 -21.06 -52.29 -17.40
N CYS A 610 -21.70 -52.21 -16.25
CA CYS A 610 -23.14 -51.95 -16.25
C CYS A 610 -23.46 -50.61 -16.94
N PHE A 611 -22.83 -49.54 -16.47
CA PHE A 611 -23.14 -48.24 -17.03
C PHE A 611 -22.65 -48.02 -18.45
N LYS A 612 -21.58 -48.70 -18.84
CA LYS A 612 -21.10 -48.60 -20.23
C LYS A 612 -22.21 -49.05 -21.20
N ASP A 613 -23.18 -49.81 -20.71
CA ASP A 613 -24.28 -50.30 -21.56
C ASP A 613 -25.57 -49.48 -21.44
N SER A 614 -25.47 -48.32 -20.78
CA SER A 614 -26.64 -47.46 -20.64
C SER A 614 -27.23 -47.05 -21.98
N SER A 615 -28.53 -46.87 -22.00
CA SER A 615 -29.21 -46.39 -23.19
C SER A 615 -29.17 -44.84 -23.22
N ASP A 616 -28.59 -44.21 -22.20
CA ASP A 616 -28.51 -42.75 -22.19
C ASP A 616 -27.21 -42.21 -22.77
N ASN A 617 -27.37 -41.28 -23.70
CA ASN A 617 -26.28 -40.68 -24.44
C ASN A 617 -25.24 -40.04 -23.56
N VAL A 618 -25.64 -39.35 -22.49
CA VAL A 618 -24.62 -38.75 -21.64
C VAL A 618 -23.99 -39.79 -20.71
N VAL A 619 -24.79 -40.70 -20.17
CA VAL A 619 -24.20 -41.71 -19.28
C VAL A 619 -23.14 -42.50 -20.03
N THR A 620 -23.39 -42.85 -21.29
CA THR A 620 -22.39 -43.65 -21.99
C THR A 620 -21.04 -42.92 -22.15
N LYS A 621 -21.08 -41.60 -22.27
CA LYS A 621 -19.86 -40.82 -22.39
C LYS A 621 -19.07 -40.81 -21.07
N LEU A 622 -19.76 -40.88 -19.93
CA LEU A 622 -19.06 -40.91 -18.67
C LEU A 622 -18.31 -42.24 -18.51
N PHE A 623 -18.83 -43.31 -19.12
CA PHE A 623 -18.19 -44.61 -18.97
C PHE A 623 -17.46 -45.21 -20.15
N ASN A 624 -17.53 -44.54 -21.30
CA ASN A 624 -16.86 -45.05 -22.48
C ASN A 624 -15.77 -44.12 -22.96
N ASP A 625 -15.82 -42.85 -22.57
CA ASP A 625 -14.79 -41.86 -22.95
C ASP A 625 -13.57 -42.02 -22.02
N PRO A 626 -12.50 -42.69 -22.50
CA PRO A 626 -11.25 -42.95 -21.77
C PRO A 626 -10.66 -41.76 -21.02
N ASN A 627 -11.07 -40.56 -21.40
CA ASN A 627 -10.60 -39.34 -20.75
C ASN A 627 -11.38 -39.10 -19.46
N ILE A 628 -12.69 -38.90 -19.57
CA ILE A 628 -13.54 -38.65 -18.40
C ILE A 628 -13.44 -39.82 -17.40
N ALA A 629 -13.49 -41.04 -17.96
CA ALA A 629 -13.42 -42.27 -17.17
C ALA A 629 -12.00 -42.84 -17.08
N SER A 630 -11.86 -43.92 -16.31
CA SER A 630 -10.61 -44.65 -16.10
C SER A 630 -9.47 -43.81 -15.47
N ARG A 631 -8.48 -43.48 -16.30
CA ARG A 631 -7.26 -42.72 -15.93
C ARG A 631 -6.06 -43.63 -16.20
N ALA A 632 -6.00 -44.77 -15.50
CA ALA A 632 -4.92 -45.76 -15.66
C ALA A 632 -4.99 -46.88 -14.62
N LYS A 633 -4.19 -46.72 -13.56
CA LYS A 633 -4.05 -47.65 -12.42
C LYS A 633 -2.73 -47.25 -11.76
N LYS A 634 -1.93 -48.25 -11.37
CA LYS A 634 -0.62 -47.99 -10.76
C LYS A 634 0.21 -49.29 -10.81
N GLY A 635 0.07 -50.06 -11.90
CA GLY A 635 0.79 -51.32 -12.02
C GLY A 635 0.29 -52.22 -10.91
N ALA A 636 -0.51 -51.62 -10.06
CA ALA A 636 -1.13 -52.29 -8.93
C ALA A 636 -2.62 -52.35 -9.25
N ASN A 637 -3.44 -51.80 -8.36
CA ASN A 637 -4.90 -51.82 -8.54
C ASN A 637 -5.54 -50.45 -8.53
N PHE A 638 -5.14 -49.61 -7.58
CA PHE A 638 -5.73 -48.29 -7.47
C PHE A 638 -4.88 -47.33 -6.62
N ILE A 639 -4.88 -46.08 -7.04
CA ILE A 639 -4.14 -45.01 -6.39
C ILE A 639 -4.98 -44.52 -5.19
N THR A 640 -4.34 -44.23 -4.06
CA THR A 640 -5.12 -43.73 -2.92
C THR A 640 -5.66 -42.33 -3.23
N VAL A 641 -6.62 -41.89 -2.45
CA VAL A 641 -7.19 -40.55 -2.63
C VAL A 641 -6.09 -39.51 -2.38
N ALA A 642 -5.24 -39.76 -1.38
CA ALA A 642 -4.16 -38.81 -1.11
C ALA A 642 -3.21 -38.73 -2.30
N ALA A 643 -2.94 -39.88 -2.96
CA ALA A 643 -2.02 -39.80 -4.08
C ALA A 643 -2.71 -39.12 -5.27
N GLN A 644 -4.01 -39.30 -5.43
CA GLN A 644 -4.73 -38.66 -6.53
C GLN A 644 -4.68 -37.13 -6.32
N TYR A 645 -4.93 -36.74 -5.07
CA TYR A 645 -4.93 -35.34 -4.71
C TYR A 645 -3.58 -34.73 -5.03
N LYS A 646 -2.51 -35.31 -4.48
CA LYS A 646 -1.19 -34.79 -4.72
C LYS A 646 -0.89 -34.66 -6.21
N GLU A 647 -1.40 -35.58 -7.02
CA GLU A 647 -1.11 -35.50 -8.44
C GLU A 647 -1.88 -34.40 -9.16
N GLN A 648 -3.14 -34.18 -8.82
CA GLN A 648 -3.88 -33.10 -9.44
C GLN A 648 -3.25 -31.76 -9.02
N LEU A 649 -2.87 -31.65 -7.77
CA LEU A 649 -2.24 -30.41 -7.32
C LEU A 649 -0.93 -30.18 -8.06
N ALA A 650 -0.14 -31.25 -8.24
CA ALA A 650 1.14 -31.09 -8.94
C ALA A 650 0.92 -30.59 -10.36
N SER A 651 -0.13 -31.09 -11.00
CA SER A 651 -0.48 -30.71 -12.37
C SER A 651 -0.85 -29.20 -12.40
N LEU A 652 -1.60 -28.76 -11.41
CA LEU A 652 -1.98 -27.36 -11.32
C LEU A 652 -0.71 -26.49 -11.09
N MET A 653 0.15 -26.88 -10.13
CA MET A 653 1.35 -26.11 -9.87
C MET A 653 2.26 -26.06 -11.09
N ALA A 654 2.33 -27.15 -11.88
CA ALA A 654 3.20 -27.14 -13.06
C ALA A 654 2.67 -26.13 -14.09
N THR A 655 1.36 -26.04 -14.23
CA THR A 655 0.77 -25.07 -15.15
C THR A 655 1.12 -23.66 -14.66
N LEU A 656 0.91 -23.41 -13.37
CA LEU A 656 1.21 -22.07 -12.86
C LEU A 656 2.68 -21.70 -13.02
N GLU A 657 3.58 -22.65 -12.80
CA GLU A 657 4.99 -22.31 -12.88
C GLU A 657 5.44 -21.92 -14.29
N THR A 658 4.64 -22.19 -15.31
CA THR A 658 5.01 -21.75 -16.65
C THR A 658 4.57 -20.28 -16.88
N THR A 659 3.77 -19.74 -15.96
CA THR A 659 3.24 -18.38 -16.16
C THR A 659 3.87 -17.29 -15.31
N ASN A 660 3.58 -16.04 -15.66
CA ASN A 660 4.00 -14.86 -14.87
C ASN A 660 2.71 -14.60 -14.09
N PRO A 661 2.75 -14.68 -12.74
CA PRO A 661 1.56 -14.47 -11.91
C PRO A 661 1.24 -13.06 -11.37
N HIS A 662 -0.05 -12.88 -11.04
CA HIS A 662 -0.56 -11.59 -10.53
C HIS A 662 -1.53 -12.03 -9.45
N PHE A 663 -1.69 -11.24 -8.39
CA PHE A 663 -2.50 -11.73 -7.28
C PHE A 663 -3.56 -10.72 -6.84
N VAL A 664 -4.81 -11.16 -6.75
CA VAL A 664 -5.90 -10.26 -6.34
C VAL A 664 -6.57 -10.91 -5.11
N ARG A 665 -6.88 -10.10 -4.11
CA ARG A 665 -7.44 -10.62 -2.85
C ARG A 665 -8.76 -9.86 -2.60
N CYS A 666 -9.91 -10.52 -2.72
CA CYS A 666 -11.22 -9.84 -2.53
C CYS A 666 -11.66 -10.10 -1.12
N ILE A 667 -12.19 -9.05 -0.51
CA ILE A 667 -12.52 -9.09 0.92
C ILE A 667 -14.00 -8.73 1.22
N ILE A 668 -14.63 -9.52 2.08
CA ILE A 668 -16.00 -9.25 2.60
C ILE A 668 -15.78 -8.20 3.74
N PRO A 669 -16.52 -7.06 3.74
CA PRO A 669 -16.27 -6.08 4.81
C PRO A 669 -16.90 -6.44 6.15
N ASN A 670 -18.00 -7.17 6.07
CA ASN A 670 -18.77 -7.57 7.27
C ASN A 670 -19.68 -8.70 6.88
N ASN A 671 -20.33 -9.31 7.87
CA ASN A 671 -21.18 -10.43 7.52
C ASN A 671 -22.65 -10.08 7.54
N LYS A 672 -22.99 -8.79 7.34
CA LYS A 672 -24.40 -8.34 7.32
C LYS A 672 -24.83 -7.77 5.94
N GLN A 673 -23.96 -7.88 4.94
CA GLN A 673 -24.24 -7.35 3.62
C GLN A 673 -24.55 -5.86 3.65
N LEU A 674 -23.94 -5.16 4.60
CA LEU A 674 -24.15 -3.74 4.76
C LEU A 674 -23.02 -2.88 4.18
N PRO A 675 -23.38 -1.83 3.46
CA PRO A 675 -22.34 -0.98 2.91
C PRO A 675 -21.81 -0.10 4.03
N ALA A 676 -20.66 0.52 3.78
CA ALA A 676 -20.05 1.46 4.73
C ALA A 676 -19.86 0.92 6.13
N LYS A 677 -19.46 -0.35 6.27
CA LYS A 677 -19.28 -0.90 7.60
C LYS A 677 -18.10 -1.88 7.59
N LEU A 678 -16.89 -1.35 7.51
CA LEU A 678 -15.71 -2.23 7.48
C LEU A 678 -15.44 -2.71 8.90
N GLU A 679 -15.44 -4.02 9.13
CA GLU A 679 -15.20 -4.56 10.49
C GLU A 679 -13.87 -5.24 10.61
N ASP A 680 -13.04 -4.80 11.56
CA ASP A 680 -11.72 -5.36 11.66
C ASP A 680 -11.62 -6.87 11.91
N LYS A 681 -12.50 -7.40 12.76
CA LYS A 681 -12.47 -8.83 13.07
C LYS A 681 -12.73 -9.65 11.80
N VAL A 682 -13.70 -9.19 11.02
CA VAL A 682 -14.05 -9.92 9.79
C VAL A 682 -12.94 -9.76 8.75
N VAL A 683 -12.45 -8.54 8.59
CA VAL A 683 -11.38 -8.30 7.58
C VAL A 683 -10.05 -8.94 7.93
N LEU A 684 -9.62 -8.81 9.18
CA LEU A 684 -8.30 -9.37 9.54
C LEU A 684 -8.24 -10.89 9.42
N ASP A 685 -9.33 -11.57 9.66
CA ASP A 685 -9.37 -13.06 9.50
C ASP A 685 -9.09 -13.40 8.03
N GLN A 686 -9.72 -12.65 7.13
CA GLN A 686 -9.50 -12.92 5.68
C GLN A 686 -8.08 -12.60 5.21
N LEU A 687 -7.51 -11.48 5.70
CA LEU A 687 -6.14 -11.11 5.33
C LEU A 687 -5.16 -12.16 5.83
N ARG A 688 -5.53 -12.81 6.93
CA ARG A 688 -4.67 -13.87 7.47
C ARG A 688 -4.81 -15.11 6.56
N CYS A 689 -6.03 -15.51 6.27
CA CYS A 689 -6.27 -16.69 5.42
C CYS A 689 -5.87 -16.56 3.96
N ASN A 690 -5.88 -15.33 3.43
CA ASN A 690 -5.55 -15.14 2.02
C ASN A 690 -4.09 -14.77 1.68
N GLY A 691 -3.24 -14.78 2.70
CA GLY A 691 -1.81 -14.52 2.51
C GLY A 691 -1.33 -13.08 2.60
N VAL A 692 -2.24 -12.14 2.70
CA VAL A 692 -1.82 -10.76 2.81
C VAL A 692 -0.96 -10.53 4.04
N LEU A 693 -1.35 -11.10 5.16
CA LEU A 693 -0.55 -10.89 6.38
C LEU A 693 0.79 -11.59 6.28
N GLU A 694 0.84 -12.67 5.51
CA GLU A 694 2.10 -13.38 5.31
C GLU A 694 3.01 -12.50 4.48
N GLY A 695 2.46 -11.79 3.49
CA GLY A 695 3.27 -10.89 2.69
C GLY A 695 3.81 -9.74 3.59
N ILE A 696 2.98 -9.21 4.48
CA ILE A 696 3.37 -8.16 5.39
C ILE A 696 4.51 -8.66 6.30
N ARG A 697 4.37 -9.90 6.82
CA ARG A 697 5.39 -10.51 7.71
C ARG A 697 6.74 -10.46 7.00
N ILE A 698 6.73 -10.88 5.75
CA ILE A 698 7.98 -10.92 4.99
C ILE A 698 8.53 -9.52 4.76
N THR A 699 7.63 -8.62 4.38
CA THR A 699 7.99 -7.23 4.09
C THR A 699 8.70 -6.55 5.28
N ARG A 700 8.21 -6.84 6.48
CA ARG A 700 8.76 -6.29 7.74
C ARG A 700 10.19 -6.71 8.08
N LYS A 701 10.67 -7.78 7.47
CA LYS A 701 12.02 -8.23 7.76
C LYS A 701 13.03 -7.44 6.96
N GLY A 702 12.57 -6.67 5.98
CA GLY A 702 13.47 -5.92 5.14
C GLY A 702 13.33 -4.43 5.30
N PHE A 703 13.26 -3.73 4.16
CA PHE A 703 13.16 -2.27 4.15
C PHE A 703 11.98 -1.91 3.31
N PRO A 704 10.81 -1.87 3.93
CA PRO A 704 9.60 -1.54 3.18
C PRO A 704 9.45 -0.18 2.50
N ASN A 705 9.92 0.88 3.17
CA ASN A 705 9.72 2.24 2.66
C ASN A 705 10.89 2.68 1.84
N ARG A 706 10.63 3.16 0.62
CA ARG A 706 11.72 3.49 -0.31
C ARG A 706 11.41 4.86 -0.90
N ILE A 707 12.23 5.83 -0.53
CA ILE A 707 11.95 7.24 -0.85
C ILE A 707 13.01 7.87 -1.75
N ILE A 708 12.57 8.46 -2.87
CA ILE A 708 13.49 9.18 -3.73
C ILE A 708 14.18 10.27 -2.84
N TYR A 709 15.51 10.36 -2.95
CA TYR A 709 16.26 11.30 -2.11
C TYR A 709 15.71 12.74 -2.11
N ALA A 710 15.49 13.30 -3.29
CA ALA A 710 15.00 14.69 -3.38
C ALA A 710 13.67 14.89 -2.62
N ASP A 711 12.83 13.86 -2.59
CA ASP A 711 11.54 13.92 -1.91
C ASP A 711 11.76 13.82 -0.42
N PHE A 712 12.74 13.04 -0.01
CA PHE A 712 13.03 12.94 1.42
C PHE A 712 13.51 14.33 1.92
N VAL A 713 14.43 14.91 1.16
CA VAL A 713 15.01 16.19 1.53
C VAL A 713 13.95 17.31 1.51
N LYS A 714 13.06 17.26 0.52
CA LYS A 714 12.04 18.29 0.41
C LYS A 714 11.20 18.33 1.67
N ARG A 715 10.96 17.18 2.29
CA ARG A 715 10.16 17.12 3.49
C ARG A 715 10.91 17.27 4.82
N TYR A 716 12.14 16.73 4.88
CA TYR A 716 12.86 16.69 6.14
C TYR A 716 14.08 17.59 6.30
N TYR A 717 14.36 18.42 5.29
CA TYR A 717 15.53 19.30 5.35
C TYR A 717 15.60 20.10 6.67
N LEU A 718 14.45 20.46 7.20
CA LEU A 718 14.41 21.28 8.41
C LEU A 718 14.80 20.57 9.69
N LEU A 719 14.98 19.26 9.62
CA LEU A 719 15.36 18.51 10.82
C LEU A 719 16.87 18.53 11.03
N ALA A 720 17.61 19.19 10.15
CA ALA A 720 19.04 19.27 10.32
C ALA A 720 19.49 20.72 10.03
N PRO A 721 20.65 21.12 10.59
CA PRO A 721 21.16 22.49 10.37
C PRO A 721 21.58 22.86 8.96
N ASN A 722 21.00 23.94 8.45
CA ASN A 722 21.41 24.47 7.16
C ASN A 722 21.32 23.54 5.96
N VAL A 723 20.29 22.73 5.90
CA VAL A 723 20.13 21.86 4.72
C VAL A 723 19.05 22.51 3.89
N PRO A 724 19.36 22.88 2.66
CA PRO A 724 18.36 23.52 1.77
C PRO A 724 17.26 22.53 1.40
N ARG A 725 16.00 23.02 1.35
CA ARG A 725 14.86 22.18 0.96
C ARG A 725 15.06 21.61 -0.44
N ASP A 726 15.68 22.39 -1.31
CA ASP A 726 15.92 21.92 -2.67
C ASP A 726 17.42 21.74 -2.94
N ALA A 727 18.15 21.18 -1.96
CA ALA A 727 19.60 20.95 -2.07
C ALA A 727 20.00 20.28 -3.38
N GLU A 728 21.06 20.77 -4.01
CA GLU A 728 21.50 20.18 -5.29
C GLU A 728 21.91 18.70 -5.21
N ASP A 729 22.62 18.31 -4.16
CA ASP A 729 23.03 16.90 -3.97
C ASP A 729 22.08 16.32 -2.94
N SER A 730 21.00 15.69 -3.40
CA SER A 730 20.00 15.15 -2.49
C SER A 730 20.51 14.02 -1.58
N GLN A 731 21.49 13.24 -2.06
CA GLN A 731 22.02 12.16 -1.26
C GLN A 731 22.80 12.74 -0.11
N LYS A 732 23.70 13.70 -0.37
CA LYS A 732 24.44 14.26 0.77
C LYS A 732 23.53 14.93 1.77
N ALA A 733 22.51 15.62 1.25
CA ALA A 733 21.57 16.29 2.16
C ALA A 733 20.83 15.24 3.02
N THR A 734 20.46 14.11 2.41
CA THR A 734 19.75 13.08 3.13
C THR A 734 20.66 12.56 4.24
N ASP A 735 21.92 12.31 3.90
CA ASP A 735 22.85 11.80 4.90
C ASP A 735 23.02 12.79 6.07
N ALA A 736 23.06 14.10 5.73
CA ALA A 736 23.23 15.13 6.74
C ALA A 736 22.07 15.11 7.71
N VAL A 737 20.85 14.91 7.19
CA VAL A 737 19.68 14.85 8.06
C VAL A 737 19.72 13.62 8.96
N LEU A 738 20.02 12.47 8.38
CA LEU A 738 20.08 11.23 9.17
C LEU A 738 21.17 11.28 10.26
N LYS A 739 22.36 11.77 9.91
CA LYS A 739 23.47 11.85 10.88
C LYS A 739 23.14 12.84 12.00
N HIS A 740 22.55 13.98 11.66
CA HIS A 740 22.19 14.92 12.71
C HIS A 740 21.16 14.36 13.66
N LEU A 741 20.21 13.56 13.13
CA LEU A 741 19.19 12.98 13.99
C LEU A 741 19.68 11.75 14.74
N ASN A 742 20.92 11.35 14.47
CA ASN A 742 21.57 10.19 15.09
C ASN A 742 20.76 8.91 14.85
N ILE A 743 20.30 8.75 13.62
CA ILE A 743 19.55 7.56 13.31
C ILE A 743 20.48 6.35 13.28
N ASP A 744 20.05 5.26 13.88
CA ASP A 744 20.83 4.00 13.89
C ASP A 744 20.99 3.61 12.42
N PRO A 745 22.24 3.54 11.90
CA PRO A 745 22.46 3.18 10.49
C PRO A 745 21.90 1.79 10.09
N GLU A 746 21.68 0.93 11.07
CA GLU A 746 21.15 -0.37 10.75
C GLU A 746 19.70 -0.21 10.27
N GLN A 747 19.07 0.92 10.60
CA GLN A 747 17.64 1.11 10.24
C GLN A 747 17.38 1.65 8.82
N TYR A 748 18.45 1.89 8.06
CA TYR A 748 18.23 2.34 6.69
C TYR A 748 19.36 1.90 5.79
N ARG A 749 19.15 2.02 4.49
CA ARG A 749 20.19 1.70 3.53
C ARG A 749 20.12 2.68 2.39
N PHE A 750 21.29 3.18 1.98
CA PHE A 750 21.28 4.08 0.85
C PHE A 750 21.29 3.33 -0.49
N GLY A 751 20.41 3.72 -1.41
CA GLY A 751 20.38 3.12 -2.73
C GLY A 751 20.90 4.11 -3.75
N ILE A 752 20.98 3.68 -5.00
CA ILE A 752 21.43 4.58 -6.07
C ILE A 752 20.45 5.75 -6.27
N THR A 753 19.14 5.50 -6.16
CA THR A 753 18.19 6.62 -6.34
C THR A 753 17.25 6.84 -5.17
N LYS A 754 17.19 5.89 -4.24
CA LYS A 754 16.28 6.03 -3.10
C LYS A 754 16.93 5.58 -1.79
N ILE A 755 16.37 6.06 -0.70
CA ILE A 755 16.82 5.61 0.62
C ILE A 755 15.77 4.61 1.09
N PHE A 756 16.24 3.45 1.55
CA PHE A 756 15.42 2.35 2.04
C PHE A 756 15.35 2.40 3.57
N PHE A 757 14.16 2.30 4.13
CA PHE A 757 14.02 2.34 5.60
C PHE A 757 13.37 1.08 6.16
N ARG A 758 13.84 0.65 7.33
CA ARG A 758 13.21 -0.46 8.04
C ARG A 758 11.89 0.05 8.60
N ALA A 759 11.00 -0.89 8.94
CA ALA A 759 9.68 -0.54 9.50
C ALA A 759 9.87 0.34 10.74
N GLY A 760 9.01 1.32 10.88
CA GLY A 760 9.04 2.25 11.99
C GLY A 760 9.99 3.44 11.89
N GLN A 761 11.09 3.30 11.17
CA GLN A 761 12.04 4.39 11.14
C GLN A 761 11.52 5.68 10.44
N LEU A 762 10.78 5.55 9.33
CA LEU A 762 10.29 6.75 8.67
C LEU A 762 9.20 7.42 9.50
N ALA A 763 8.38 6.63 10.20
CA ALA A 763 7.35 7.20 11.04
C ALA A 763 8.04 8.06 12.11
N ARG A 764 9.15 7.59 12.65
CA ARG A 764 9.84 8.37 13.70
C ARG A 764 10.40 9.67 13.14
N ILE A 765 10.86 9.64 11.89
CA ILE A 765 11.38 10.84 11.28
C ILE A 765 10.18 11.79 11.04
N GLU A 766 9.04 11.23 10.61
CA GLU A 766 7.85 12.07 10.40
C GLU A 766 7.39 12.69 11.73
N GLU A 767 7.42 11.89 12.81
CA GLU A 767 7.03 12.40 14.13
C GLU A 767 7.95 13.58 14.51
N ALA A 768 9.27 13.46 14.26
CA ALA A 768 10.22 14.55 14.56
C ALA A 768 9.83 15.80 13.75
N ARG A 769 9.41 15.61 12.49
CA ARG A 769 8.98 16.78 11.69
C ARG A 769 7.75 17.44 12.30
N GLU A 770 6.75 16.64 12.67
CA GLU A 770 5.51 17.18 13.25
C GLU A 770 5.86 18.02 14.49
N GLN A 771 6.72 17.48 15.35
CA GLN A 771 7.15 18.16 16.56
C GLN A 771 7.90 19.47 16.25
N ARG A 772 8.80 19.45 15.27
CA ARG A 772 9.57 20.63 14.92
C ARG A 772 8.65 21.73 14.37
N ILE A 773 7.68 21.36 13.56
CA ILE A 773 6.79 22.36 13.00
C ILE A 773 5.90 22.95 14.10
N SER A 774 5.42 22.12 15.02
CA SER A 774 4.57 22.72 16.05
C SER A 774 5.43 23.66 16.91
N GLU A 775 6.68 23.31 17.17
CA GLU A 775 7.58 24.16 17.94
C GLU A 775 7.72 25.54 17.29
N ILE A 776 7.96 25.54 15.99
CA ILE A 776 8.14 26.77 15.23
C ILE A 776 6.85 27.58 15.15
N THR B 1 5.76 26.91 14.78
CA THR B 1 4.50 27.59 14.68
C THR B 1 4.04 28.20 15.99
N ARG B 2 4.38 27.57 17.12
CA ARG B 2 3.97 28.09 18.42
C ARG B 2 4.67 29.43 18.76
N LEU B 3 5.72 29.80 18.02
CA LEU B 3 6.42 31.06 18.27
C LEU B 3 5.59 32.24 17.77
N VAL B 4 4.64 31.98 16.91
CA VAL B 4 3.78 33.04 16.34
C VAL B 4 2.40 33.09 17.04
N PRO B 5 2.09 34.21 17.74
CA PRO B 5 0.79 34.29 18.40
C PRO B 5 -0.30 34.19 17.33
N ARG B 6 -1.39 33.50 17.63
CA ARG B 6 -2.46 33.36 16.64
C ARG B 6 -3.50 34.48 16.81
N MET C 1 3.51 49.03 17.99
CA MET C 1 3.78 48.13 19.15
C MET C 1 5.26 47.76 19.20
N GLU C 2 5.87 48.11 20.33
CA GLU C 2 7.28 47.87 20.60
C GLU C 2 7.60 46.38 20.60
N ASP C 3 6.56 45.54 20.47
CA ASP C 3 6.71 44.09 20.49
C ASP C 3 6.85 43.39 19.14
N LEU C 4 6.52 44.06 18.04
CA LEU C 4 6.58 43.37 16.74
C LEU C 4 8.00 43.02 16.28
N ILE C 5 8.92 43.97 16.35
CA ILE C 5 10.30 43.63 15.91
C ILE C 5 10.88 42.50 16.79
N PRO C 6 10.72 42.58 18.13
CA PRO C 6 11.24 41.49 18.96
C PRO C 6 10.62 40.13 18.61
N LEU C 7 9.32 40.09 18.26
CA LEU C 7 8.67 38.83 17.90
C LEU C 7 9.32 38.24 16.63
N VAL C 8 9.56 39.08 15.63
CA VAL C 8 10.18 38.58 14.43
C VAL C 8 11.66 38.25 14.71
N ASN C 9 12.27 38.95 15.66
CA ASN C 9 13.68 38.63 16.04
C ASN C 9 13.73 37.12 16.48
N ARG C 10 12.69 36.65 17.22
CA ARG C 10 12.67 35.26 17.68
C ARG C 10 12.48 34.31 16.53
N LEU C 11 11.68 34.73 15.55
CA LEU C 11 11.49 33.89 14.41
C LEU C 11 12.80 33.79 13.62
N GLN C 12 13.50 34.93 13.44
CA GLN C 12 14.77 34.84 12.72
C GLN C 12 15.74 33.89 13.47
N ASP C 13 15.79 33.99 14.80
CA ASP C 13 16.67 33.10 15.53
C ASP C 13 16.25 31.63 15.28
N ALA C 14 14.96 31.35 15.31
CA ALA C 14 14.51 29.97 15.09
C ALA C 14 14.80 29.48 13.66
N PHE C 15 14.80 30.37 12.67
CA PHE C 15 15.06 29.91 11.33
C PHE C 15 16.50 29.98 10.90
N SER C 16 17.35 30.51 11.79
CA SER C 16 18.75 30.65 11.45
C SER C 16 19.39 29.35 11.02
N ALA C 17 18.92 28.21 11.52
CA ALA C 17 19.52 26.92 11.15
C ALA C 17 18.69 26.12 10.15
N ILE C 18 17.68 26.77 9.60
CA ILE C 18 16.85 26.13 8.61
C ILE C 18 17.35 26.60 7.24
N GLY C 19 17.84 25.63 6.46
CA GLY C 19 18.33 25.94 5.13
C GLY C 19 17.34 26.64 4.23
N GLN C 20 17.84 27.17 3.12
CA GLN C 20 17.01 27.89 2.15
C GLN C 20 15.74 27.11 1.75
N ASN C 21 14.63 27.83 1.78
CA ASN C 21 13.34 27.30 1.40
C ASN C 21 12.73 28.53 0.73
N ALA C 22 12.57 28.47 -0.58
CA ALA C 22 12.02 29.59 -1.33
C ALA C 22 10.65 30.06 -0.87
N ASP C 23 9.93 29.22 -0.15
CA ASP C 23 8.58 29.59 0.27
C ASP C 23 8.51 30.28 1.64
N LEU C 24 9.57 30.17 2.45
CA LEU C 24 9.62 30.79 3.77
C LEU C 24 9.85 32.32 3.57
N ASP C 25 8.94 33.15 4.07
CA ASP C 25 9.02 34.61 3.83
C ASP C 25 8.74 35.55 5.04
N LEU C 26 9.68 35.69 5.97
CA LEU C 26 9.50 36.56 7.14
C LEU C 26 9.63 38.04 6.77
N PRO C 27 8.89 38.92 7.47
CA PRO C 27 8.95 40.36 7.20
C PRO C 27 10.29 40.85 7.74
N GLN C 28 11.12 41.40 6.87
CA GLN C 28 12.46 41.83 7.33
C GLN C 28 13.05 42.78 6.30
N ILE C 29 14.21 43.38 6.61
CA ILE C 29 14.87 44.32 5.68
C ILE C 29 16.19 43.72 5.24
N ALA C 30 16.44 43.66 3.93
CA ALA C 30 17.70 43.15 3.42
C ALA C 30 18.49 44.39 2.94
N VAL C 31 19.76 44.45 3.29
CA VAL C 31 20.60 45.60 2.91
C VAL C 31 21.39 45.22 1.66
N VAL C 32 21.16 45.97 0.60
CA VAL C 32 21.75 45.67 -0.69
C VAL C 32 22.61 46.83 -1.15
N GLY C 33 23.83 46.56 -1.57
CA GLY C 33 24.64 47.66 -2.06
C GLY C 33 25.83 47.22 -2.85
N GLY C 34 26.28 48.10 -3.75
CA GLY C 34 27.51 47.84 -4.47
C GLY C 34 28.65 47.99 -3.45
N GLN C 35 29.76 47.29 -3.67
CA GLN C 35 30.93 47.32 -2.79
C GLN C 35 31.43 48.73 -2.46
N SER C 36 31.19 49.70 -3.36
CA SER C 36 31.62 51.09 -3.20
C SER C 36 30.61 52.03 -2.51
N ALA C 37 29.45 51.46 -2.13
CA ALA C 37 28.37 52.26 -1.56
C ALA C 37 28.56 52.69 -0.11
N GLY C 38 29.49 52.09 0.60
CA GLY C 38 29.72 52.48 2.01
C GLY C 38 28.66 51.89 2.95
N LYS C 39 28.07 50.75 2.60
CA LYS C 39 27.03 50.28 3.49
C LYS C 39 27.50 49.90 4.89
N SER C 40 28.75 49.48 5.05
CA SER C 40 29.24 49.17 6.42
C SER C 40 29.23 50.42 7.29
N SER C 41 29.60 51.56 6.71
CA SER C 41 29.62 52.80 7.48
C SER C 41 28.23 53.17 7.98
N VAL C 42 27.23 52.92 7.15
CA VAL C 42 25.84 53.21 7.56
C VAL C 42 25.50 52.39 8.85
N LEU C 43 25.82 51.09 8.84
CA LEU C 43 25.53 50.23 9.98
C LEU C 43 26.37 50.60 11.20
N GLU C 44 27.65 50.87 10.98
CA GLU C 44 28.50 51.21 12.12
C GLU C 44 28.07 52.55 12.72
N ASN C 45 27.46 53.42 11.91
CA ASN C 45 26.99 54.68 12.49
C ASN C 45 25.69 54.50 13.26
N PHE C 46 24.96 53.42 13.02
CA PHE C 46 23.75 53.17 13.80
C PHE C 46 24.27 52.74 15.18
N VAL C 47 25.18 51.77 15.18
CA VAL C 47 25.80 51.21 16.39
C VAL C 47 26.69 52.18 17.15
N GLY C 48 27.43 53.03 16.41
CA GLY C 48 28.31 54.00 17.05
C GLY C 48 29.65 53.39 17.43
N ARG C 49 29.95 52.25 16.82
CA ARG C 49 31.19 51.56 17.09
C ARG C 49 31.59 50.88 15.82
N ASP C 50 32.88 50.79 15.55
CA ASP C 50 33.31 50.06 14.38
C ASP C 50 33.27 48.61 14.87
N PHE C 51 32.64 47.73 14.10
CA PHE C 51 32.55 46.33 14.52
C PHE C 51 32.50 45.37 13.34
N LEU C 52 32.51 45.91 12.13
CA LEU C 52 32.45 45.07 10.93
C LEU C 52 33.82 44.79 10.37
N PRO C 53 34.01 43.59 9.80
CA PRO C 53 35.30 43.24 9.21
C PRO C 53 35.77 44.32 8.24
N ARG C 54 37.10 44.45 8.13
CA ARG C 54 37.70 45.44 7.24
C ARG C 54 38.56 44.69 6.24
N GLY C 55 38.53 45.15 5.00
CA GLY C 55 39.32 44.47 4.00
C GLY C 55 38.98 45.05 2.66
N SER C 56 39.76 44.66 1.67
CA SER C 56 39.48 45.16 0.35
C SER C 56 38.31 44.32 -0.16
N GLY C 57 37.44 44.95 -0.94
CA GLY C 57 36.31 44.25 -1.49
C GLY C 57 35.17 43.92 -0.53
N ILE C 58 34.89 42.62 -0.42
CA ILE C 58 33.80 42.10 0.39
C ILE C 58 34.02 42.16 1.91
N VAL C 59 33.03 42.65 2.65
CA VAL C 59 33.10 42.75 4.11
C VAL C 59 32.14 41.72 4.75
N THR C 60 31.04 41.45 4.07
CA THR C 60 30.05 40.51 4.56
C THR C 60 30.10 39.30 3.60
N ARG C 61 30.55 38.14 4.09
CA ARG C 61 30.65 36.93 3.27
C ARG C 61 29.56 35.89 3.64
N ARG C 62 28.81 36.20 4.70
CA ARG C 62 27.67 35.41 5.16
C ARG C 62 26.61 36.46 5.55
N PRO C 63 25.32 36.16 5.31
CA PRO C 63 24.28 37.11 5.67
C PRO C 63 24.42 37.45 7.17
N LEU C 64 24.40 38.73 7.52
CA LEU C 64 24.52 39.09 8.94
C LEU C 64 23.13 39.60 9.39
N VAL C 65 22.45 38.85 10.27
CA VAL C 65 21.13 39.29 10.76
C VAL C 65 21.51 40.16 11.97
N LEU C 66 21.44 41.46 11.79
CA LEU C 66 21.85 42.37 12.82
C LEU C 66 20.58 42.91 13.53
N GLN C 67 20.40 42.51 14.79
CA GLN C 67 19.22 42.91 15.58
C GLN C 67 19.65 43.99 16.56
N LEU C 68 19.24 45.23 16.32
CA LEU C 68 19.61 46.31 17.22
C LEU C 68 18.48 46.50 18.21
N VAL C 69 18.83 46.59 19.48
CA VAL C 69 17.81 46.74 20.53
C VAL C 69 18.18 47.90 21.44
N ASN C 70 17.34 48.91 21.50
CA ASN C 70 17.64 50.08 22.33
C ASN C 70 17.80 49.62 23.76
N SER C 71 18.88 50.02 24.40
CA SER C 71 19.12 49.60 25.76
C SER C 71 19.88 50.66 26.50
N THR C 72 19.78 50.58 27.81
CA THR C 72 20.47 51.50 28.67
C THR C 72 21.94 51.09 28.72
N THR C 73 22.17 49.78 28.66
CA THR C 73 23.51 49.21 28.70
C THR C 73 24.02 48.93 27.27
N GLU C 74 25.32 48.67 27.09
CA GLU C 74 25.85 48.45 25.77
C GLU C 74 26.63 47.14 25.65
N TYR C 75 26.14 46.18 24.86
CA TYR C 75 26.83 44.89 24.69
C TYR C 75 26.24 44.11 23.51
N ALA C 76 26.97 43.10 23.05
CA ALA C 76 26.52 42.31 21.92
C ALA C 76 26.55 40.83 22.24
N GLU C 77 25.76 40.05 21.49
CA GLU C 77 25.72 38.60 21.66
C GLU C 77 25.44 37.93 20.31
N PHE C 78 26.11 36.82 20.05
CA PHE C 78 25.92 36.05 18.81
C PHE C 78 25.09 34.82 19.20
N LEU C 79 24.16 34.40 18.34
CA LEU C 79 23.33 33.24 18.63
C LEU C 79 24.25 32.01 18.67
N HIS C 80 25.35 32.03 17.91
CA HIS C 80 26.22 30.88 17.94
C HIS C 80 27.17 30.85 19.13
N CYS C 81 27.19 31.91 19.93
CA CYS C 81 28.02 31.97 21.15
C CYS C 81 27.12 32.10 22.38
N LYS C 82 26.32 31.07 22.61
CA LYS C 82 25.40 31.02 23.74
C LYS C 82 25.90 31.60 25.06
N GLY C 83 25.16 32.59 25.57
CA GLY C 83 25.49 33.19 26.85
C GLY C 83 26.63 34.18 26.93
N LYS C 84 27.50 34.24 25.92
CA LYS C 84 28.61 35.17 26.00
C LYS C 84 28.20 36.61 25.73
N LYS C 85 28.72 37.54 26.53
CA LYS C 85 28.41 38.95 26.32
C LYS C 85 29.65 39.67 25.79
N PHE C 86 29.54 40.30 24.62
CA PHE C 86 30.69 41.03 24.13
C PHE C 86 30.54 42.50 24.52
N THR C 87 31.56 43.10 25.13
CA THR C 87 31.44 44.54 25.45
C THR C 87 32.49 45.32 24.67
N ASP C 88 33.49 44.64 24.13
CA ASP C 88 34.54 45.26 23.30
C ASP C 88 34.14 45.00 21.84
N PHE C 89 33.79 46.03 21.10
CA PHE C 89 33.36 45.81 19.72
C PHE C 89 34.44 45.32 18.78
N GLU C 90 35.71 45.48 19.17
CA GLU C 90 36.78 44.96 18.34
C GLU C 90 36.73 43.42 18.43
N GLU C 91 36.26 42.86 19.55
CA GLU C 91 36.16 41.41 19.67
C GLU C 91 34.97 40.96 18.85
N VAL C 92 33.95 41.81 18.78
CA VAL C 92 32.79 41.48 17.96
C VAL C 92 33.26 41.33 16.49
N ARG C 93 34.04 42.27 16.03
CA ARG C 93 34.56 42.20 14.67
C ARG C 93 35.39 40.95 14.50
N LEU C 94 36.24 40.62 15.48
CA LEU C 94 37.05 39.41 15.37
C LEU C 94 36.24 38.09 15.33
N GLU C 95 35.11 38.07 16.04
CA GLU C 95 34.25 36.89 16.07
C GLU C 95 33.51 36.76 14.71
N ILE C 96 33.11 37.89 14.12
CA ILE C 96 32.47 37.81 12.79
C ILE C 96 33.49 37.20 11.82
N GLU C 97 34.73 37.70 11.87
CA GLU C 97 35.76 37.15 10.99
C GLU C 97 36.04 35.66 11.24
N ALA C 98 36.16 35.27 12.50
CA ALA C 98 36.44 33.85 12.83
C ALA C 98 35.33 32.88 12.45
N GLU C 99 34.10 33.24 12.83
CA GLU C 99 32.93 32.41 12.52
C GLU C 99 32.76 32.29 10.99
N THR C 100 33.10 33.35 10.26
CA THR C 100 32.96 33.31 8.80
C THR C 100 34.00 32.34 8.21
N ASP C 101 35.27 32.49 8.62
CA ASP C 101 36.34 31.61 8.14
C ASP C 101 36.06 30.16 8.52
N ARG C 102 35.52 29.97 9.72
CA ARG C 102 35.17 28.63 10.18
C ARG C 102 34.30 27.95 9.11
N VAL C 103 33.35 28.68 8.53
CA VAL C 103 32.49 28.07 7.51
C VAL C 103 33.04 28.12 6.09
N THR C 104 33.53 29.28 5.64
CA THR C 104 34.01 29.37 4.28
C THR C 104 35.38 28.72 4.01
N GLY C 105 35.38 27.72 3.12
CA GLY C 105 36.61 27.04 2.77
C GLY C 105 37.64 28.07 2.35
N THR C 106 37.47 28.64 1.15
CA THR C 106 38.38 29.68 0.66
C THR C 106 38.13 30.88 1.56
N ASN C 107 39.21 31.57 1.94
CA ASN C 107 39.09 32.71 2.84
C ASN C 107 38.42 33.94 2.21
N LYS C 108 37.93 33.83 0.96
CA LYS C 108 37.27 34.96 0.33
C LYS C 108 35.88 34.67 -0.27
N GLY C 109 35.48 33.40 -0.33
CA GLY C 109 34.18 33.05 -0.88
C GLY C 109 33.01 33.38 0.05
N ILE C 110 31.80 32.98 -0.32
CA ILE C 110 30.64 33.26 0.54
C ILE C 110 29.88 32.02 0.99
N SER C 111 28.95 32.22 1.91
CA SER C 111 28.10 31.15 2.40
C SER C 111 26.73 31.70 2.80
N PRO C 112 25.64 30.92 2.56
CA PRO C 112 24.30 31.40 2.93
C PRO C 112 23.97 31.23 4.42
N VAL C 113 24.83 30.54 5.17
CA VAL C 113 24.55 30.33 6.59
C VAL C 113 24.65 31.67 7.34
N PRO C 114 23.55 32.16 7.93
CA PRO C 114 23.66 33.45 8.62
C PRO C 114 24.41 33.47 9.94
N ILE C 115 24.85 34.67 10.31
CA ILE C 115 25.51 34.94 11.59
C ILE C 115 24.47 35.86 12.24
N ASN C 116 24.10 35.54 13.46
CA ASN C 116 22.98 36.23 14.09
C ASN C 116 23.47 37.06 15.25
N LEU C 117 23.67 38.35 14.97
CA LEU C 117 24.25 39.27 15.95
C LEU C 117 23.24 40.25 16.51
N ARG C 118 23.11 40.30 17.85
CA ARG C 118 22.18 41.21 18.49
C ARG C 118 23.02 42.20 19.28
N VAL C 119 22.70 43.48 19.12
CA VAL C 119 23.43 44.54 19.80
C VAL C 119 22.46 45.34 20.62
N TYR C 120 22.81 45.52 21.90
CA TYR C 120 22.01 46.33 22.83
C TYR C 120 22.82 47.59 22.97
N SER C 121 22.17 48.75 22.81
CA SER C 121 22.92 49.99 22.88
C SER C 121 22.03 51.20 23.06
N PRO C 122 22.56 52.24 23.70
CA PRO C 122 21.74 53.44 23.87
C PRO C 122 21.77 54.23 22.57
N HIS C 123 22.68 53.85 21.67
CA HIS C 123 22.83 54.56 20.38
C HIS C 123 21.89 54.07 19.30
N VAL C 124 21.11 53.02 19.59
CA VAL C 124 20.23 52.50 18.53
C VAL C 124 18.76 52.47 18.89
N LEU C 125 17.93 52.42 17.84
CA LEU C 125 16.49 52.24 18.03
C LEU C 125 16.33 50.74 17.81
N ASN C 126 15.13 50.22 18.10
CA ASN C 126 14.83 48.80 17.90
C ASN C 126 14.69 48.69 16.38
N LEU C 127 15.55 47.86 15.79
CA LEU C 127 15.55 47.76 14.36
C LEU C 127 16.33 46.52 14.01
N THR C 128 15.93 45.82 12.96
CA THR C 128 16.66 44.65 12.51
C THR C 128 16.92 44.75 11.00
N LEU C 129 18.11 44.38 10.59
CA LEU C 129 18.48 44.46 9.18
C LEU C 129 19.32 43.22 8.87
N VAL C 130 19.18 42.69 7.66
CA VAL C 130 19.99 41.54 7.26
C VAL C 130 21.01 42.07 6.25
N ASP C 131 22.27 42.20 6.66
CA ASP C 131 23.33 42.73 5.76
C ASP C 131 23.74 41.60 4.83
N LEU C 132 23.93 41.90 3.54
CA LEU C 132 24.29 40.85 2.60
C LEU C 132 25.57 41.27 1.86
N PRO C 133 26.25 40.32 1.22
CA PRO C 133 27.47 40.60 0.47
C PRO C 133 27.26 41.74 -0.51
N GLY C 134 28.21 42.65 -0.60
CA GLY C 134 28.09 43.75 -1.53
C GLY C 134 28.39 43.25 -2.97
N MET C 135 27.82 43.90 -3.95
CA MET C 135 28.00 43.55 -5.36
C MET C 135 29.29 44.14 -5.93
N THR C 136 29.90 43.42 -6.88
CA THR C 136 31.09 43.87 -7.58
C THR C 136 31.28 43.02 -8.83
N LYS C 137 31.99 43.58 -9.80
CA LYS C 137 32.31 42.89 -11.05
C LYS C 137 33.62 42.11 -10.78
N VAL C 138 34.74 42.71 -11.22
CA VAL C 138 36.10 42.15 -11.05
C VAL C 138 36.29 41.29 -9.79
N PRO C 139 36.30 39.95 -9.97
CA PRO C 139 36.45 38.96 -8.90
C PRO C 139 37.69 39.16 -8.02
N VAL C 140 38.47 40.20 -8.35
CA VAL C 140 39.69 40.55 -7.61
C VAL C 140 39.65 40.17 -6.13
N GLY C 141 40.05 38.93 -5.87
CA GLY C 141 40.08 38.41 -4.52
C GLY C 141 40.98 37.20 -4.61
N ASP C 142 40.38 36.03 -4.45
CA ASP C 142 41.12 34.78 -4.55
C ASP C 142 40.13 33.63 -4.47
N GLN C 143 39.36 33.47 -5.55
CA GLN C 143 38.36 32.43 -5.67
C GLN C 143 37.01 32.92 -5.12
N PRO C 144 35.93 32.70 -5.86
CA PRO C 144 35.87 32.05 -7.18
C PRO C 144 35.66 33.06 -8.32
N PRO C 145 35.91 32.66 -9.57
CA PRO C 145 35.74 33.55 -10.74
C PRO C 145 34.30 34.04 -10.99
N ASP C 146 33.34 33.17 -10.69
CA ASP C 146 31.92 33.51 -10.86
C ASP C 146 31.38 34.20 -9.60
N ILE C 147 32.27 34.65 -8.72
CA ILE C 147 31.85 35.30 -7.49
C ILE C 147 30.72 36.33 -7.66
N GLU C 148 30.79 37.16 -8.70
CA GLU C 148 29.75 38.16 -8.93
C GLU C 148 28.39 37.49 -9.00
N PHE C 149 28.32 36.32 -9.64
CA PHE C 149 27.05 35.61 -9.80
C PHE C 149 26.61 34.92 -8.53
N GLN C 150 27.58 34.41 -7.79
CA GLN C 150 27.27 33.78 -6.53
C GLN C 150 26.63 34.83 -5.60
N ILE C 151 27.22 36.02 -5.54
CA ILE C 151 26.69 37.11 -4.70
C ILE C 151 25.28 37.51 -5.21
N ARG C 152 25.17 37.78 -6.51
CA ARG C 152 23.85 38.16 -7.03
C ARG C 152 22.79 37.06 -6.71
N ASP C 153 23.17 35.80 -6.90
CA ASP C 153 22.23 34.70 -6.63
C ASP C 153 21.80 34.68 -5.13
N MET C 154 22.75 34.92 -4.23
CA MET C 154 22.41 34.95 -2.81
C MET C 154 21.48 36.16 -2.54
N LEU C 155 21.81 37.32 -3.06
CA LEU C 155 20.96 38.48 -2.88
C LEU C 155 19.55 38.19 -3.40
N MET C 156 19.43 37.54 -4.57
CA MET C 156 18.11 37.27 -5.13
C MET C 156 17.29 36.35 -4.24
N GLN C 157 17.94 35.41 -3.57
CA GLN C 157 17.23 34.49 -2.69
C GLN C 157 16.48 35.31 -1.61
N PHE C 158 17.10 36.39 -1.17
CA PHE C 158 16.45 37.20 -0.18
C PHE C 158 15.44 38.15 -0.74
N VAL C 159 15.88 38.97 -1.70
CA VAL C 159 15.00 40.02 -2.19
C VAL C 159 13.90 39.66 -3.16
N THR C 160 13.89 38.43 -3.71
CA THR C 160 12.78 38.08 -4.59
C THR C 160 11.55 37.80 -3.73
N LYS C 161 11.72 37.61 -2.41
CA LYS C 161 10.58 37.35 -1.54
C LYS C 161 9.75 38.61 -1.28
N GLU C 162 8.43 38.44 -1.39
CA GLU C 162 7.50 39.55 -1.20
C GLU C 162 7.58 40.27 0.14
N ASN C 163 7.82 39.57 1.24
CA ASN C 163 7.91 40.26 2.53
C ASN C 163 9.28 40.85 2.86
N CYS C 164 10.19 40.81 1.90
CA CYS C 164 11.51 41.36 2.13
C CYS C 164 11.55 42.82 1.66
N LEU C 165 11.75 43.74 2.60
CA LEU C 165 11.89 45.18 2.27
C LEU C 165 13.37 45.33 1.87
N ILE C 166 13.63 46.17 0.88
CA ILE C 166 14.99 46.34 0.38
C ILE C 166 15.59 47.69 0.78
N LEU C 167 16.73 47.68 1.50
CA LEU C 167 17.40 48.94 1.86
C LEU C 167 18.49 49.04 0.82
N ALA C 168 18.23 49.81 -0.26
CA ALA C 168 19.19 49.93 -1.40
C ALA C 168 20.12 51.12 -1.12
N VAL C 169 21.41 50.80 -0.93
CA VAL C 169 22.43 51.81 -0.59
C VAL C 169 23.27 52.13 -1.81
N SER C 170 23.34 53.43 -2.12
CA SER C 170 24.12 53.90 -3.26
C SER C 170 24.94 55.16 -2.87
N PRO C 171 26.18 55.29 -3.41
CA PRO C 171 27.04 56.45 -3.12
C PRO C 171 26.62 57.62 -4.03
N ALA C 172 26.55 58.82 -3.49
CA ALA C 172 26.16 59.99 -4.27
C ALA C 172 27.21 60.37 -5.32
N ASN C 173 28.48 60.00 -5.08
CA ASN C 173 29.51 60.37 -6.04
C ASN C 173 29.71 59.33 -7.10
N SER C 174 28.61 58.99 -7.75
CA SER C 174 28.61 58.03 -8.82
C SER C 174 27.39 58.37 -9.66
N ASP C 175 27.14 57.55 -10.67
CA ASP C 175 25.99 57.76 -11.55
C ASP C 175 24.87 57.00 -10.82
N LEU C 176 23.97 57.70 -10.13
CA LEU C 176 22.93 56.98 -9.39
C LEU C 176 22.02 56.14 -10.30
N ALA C 177 21.87 56.53 -11.56
CA ALA C 177 21.05 55.73 -12.49
C ALA C 177 21.71 54.38 -12.72
N ASN C 178 23.01 54.33 -12.51
CA ASN C 178 23.73 53.08 -12.72
C ASN C 178 24.02 52.35 -11.38
N SER C 179 23.30 52.70 -10.33
CA SER C 179 23.49 52.07 -9.00
C SER C 179 23.17 50.57 -9.01
N ASP C 180 24.12 49.73 -8.61
CA ASP C 180 23.86 48.30 -8.58
C ASP C 180 22.69 48.00 -7.66
N ALA C 181 22.57 48.70 -6.54
CA ALA C 181 21.48 48.40 -5.60
C ALA C 181 20.12 48.77 -6.16
N LEU C 182 20.05 49.96 -6.76
CA LEU C 182 18.76 50.40 -7.27
C LEU C 182 18.37 49.54 -8.47
N LYS C 183 19.35 49.06 -9.24
CA LYS C 183 19.01 48.24 -10.40
C LYS C 183 18.49 46.87 -9.98
N ILE C 184 19.15 46.22 -9.00
CA ILE C 184 18.64 44.94 -8.58
C ILE C 184 17.31 45.13 -7.88
N ALA C 185 17.11 46.25 -7.19
CA ALA C 185 15.82 46.44 -6.53
C ALA C 185 14.74 46.59 -7.61
N LYS C 186 15.06 47.25 -8.73
CA LYS C 186 14.08 47.38 -9.79
C LYS C 186 13.75 46.06 -10.51
N GLU C 187 14.71 45.13 -10.56
CA GLU C 187 14.46 43.81 -11.17
C GLU C 187 13.39 43.03 -10.42
N VAL C 188 13.40 43.12 -9.08
CA VAL C 188 12.43 42.38 -8.27
C VAL C 188 11.28 43.21 -7.74
N ASP C 189 11.44 44.52 -7.71
CA ASP C 189 10.39 45.40 -7.22
C ASP C 189 10.26 46.54 -8.24
N PRO C 190 9.75 46.22 -9.43
CA PRO C 190 9.54 47.15 -10.56
C PRO C 190 8.74 48.39 -10.18
N GLN C 191 7.73 48.25 -9.32
CA GLN C 191 6.94 49.41 -8.94
C GLN C 191 7.55 50.23 -7.82
N GLY C 192 8.72 49.81 -7.35
CA GLY C 192 9.37 50.58 -6.31
C GLY C 192 8.50 50.75 -5.09
N GLN C 193 7.84 49.67 -4.67
CA GLN C 193 6.99 49.74 -3.51
C GLN C 193 7.58 49.14 -2.25
N ARG C 194 8.66 48.40 -2.35
CA ARG C 194 9.25 47.83 -1.14
C ARG C 194 10.75 48.05 -1.09
N THR C 195 11.18 49.19 -1.61
CA THR C 195 12.61 49.55 -1.66
C THR C 195 12.77 50.89 -0.96
N ILE C 196 13.67 50.97 0.03
CA ILE C 196 13.91 52.24 0.72
C ILE C 196 15.30 52.66 0.25
N GLY C 197 15.42 53.86 -0.28
CA GLY C 197 16.75 54.27 -0.77
C GLY C 197 17.61 55.01 0.23
N VAL C 198 18.91 54.69 0.24
CA VAL C 198 19.86 55.39 1.09
C VAL C 198 20.96 55.93 0.20
N ILE C 199 21.24 57.22 0.32
CA ILE C 199 22.29 57.85 -0.52
C ILE C 199 23.42 58.23 0.45
N THR C 200 24.60 57.64 0.25
CA THR C 200 25.75 57.89 1.13
C THR C 200 26.72 58.84 0.42
N LYS C 201 27.78 59.24 1.14
CA LYS C 201 28.86 60.05 0.55
C LYS C 201 28.42 61.35 -0.10
N LEU C 202 27.36 61.94 0.41
CA LEU C 202 26.85 63.20 -0.15
C LEU C 202 27.93 64.29 -0.08
N ASP C 203 28.79 64.23 0.93
CA ASP C 203 29.82 65.24 1.05
C ASP C 203 30.99 65.07 0.05
N LEU C 204 30.97 63.96 -0.69
CA LEU C 204 32.03 63.70 -1.65
C LEU C 204 31.64 64.05 -3.09
N MET C 205 30.46 64.62 -3.31
CA MET C 205 30.07 64.93 -4.68
C MET C 205 30.91 66.06 -5.29
N ASP C 206 31.04 66.02 -6.60
CA ASP C 206 31.79 67.04 -7.31
C ASP C 206 31.28 68.44 -7.00
N GLU C 207 32.22 69.37 -7.00
CA GLU C 207 31.95 70.76 -6.76
C GLU C 207 30.81 71.23 -7.67
N GLY C 208 29.81 71.89 -7.12
CA GLY C 208 28.76 72.42 -7.98
C GLY C 208 27.67 71.47 -8.40
N THR C 209 27.64 70.25 -7.83
CA THR C 209 26.58 69.29 -8.15
C THR C 209 25.97 68.89 -6.83
N ASP C 210 24.82 68.25 -6.86
CA ASP C 210 24.18 67.85 -5.62
C ASP C 210 23.16 66.77 -5.96
N ALA C 211 22.65 66.10 -4.94
CA ALA C 211 21.70 65.01 -5.19
C ALA C 211 20.29 65.39 -4.78
N ARG C 212 19.99 66.67 -4.82
CA ARG C 212 18.68 67.17 -4.40
C ARG C 212 17.49 66.48 -5.08
N ASP C 213 17.57 66.29 -6.40
CA ASP C 213 16.46 65.69 -7.14
C ASP C 213 16.17 64.25 -6.72
N VAL C 214 17.21 63.49 -6.38
CA VAL C 214 16.98 62.12 -5.94
C VAL C 214 16.46 62.18 -4.50
N LEU C 215 17.05 63.02 -3.65
CA LEU C 215 16.63 63.10 -2.24
C LEU C 215 15.17 63.58 -2.09
N GLU C 216 14.75 64.39 -3.05
CA GLU C 216 13.38 64.90 -3.04
C GLU C 216 12.42 63.89 -3.67
N ASN C 217 12.95 62.73 -4.07
CA ASN C 217 12.14 61.65 -4.61
C ASN C 217 11.51 62.01 -5.95
N LYS C 218 12.25 62.74 -6.80
CA LYS C 218 11.71 63.14 -8.07
C LYS C 218 12.37 62.48 -9.27
N LEU C 219 13.67 62.27 -9.19
CA LEU C 219 14.38 61.67 -10.31
C LEU C 219 14.21 60.15 -10.45
N LEU C 220 14.34 59.42 -9.35
CA LEU C 220 14.21 57.96 -9.35
C LEU C 220 13.20 57.54 -8.24
N PRO C 221 11.95 58.04 -8.34
CA PRO C 221 10.84 57.82 -7.41
C PRO C 221 10.70 56.45 -6.77
N LEU C 222 10.57 56.45 -5.45
CA LEU C 222 10.33 55.22 -4.70
C LEU C 222 9.23 55.56 -3.71
N ARG C 223 8.22 54.72 -3.60
CA ARG C 223 7.18 55.03 -2.66
C ARG C 223 7.66 55.32 -1.22
N ARG C 224 8.63 54.54 -0.74
CA ARG C 224 9.15 54.69 0.62
C ARG C 224 10.25 55.72 0.79
N GLY C 225 10.57 56.41 -0.30
CA GLY C 225 11.55 57.50 -0.27
C GLY C 225 13.04 57.20 -0.18
N TYR C 226 13.82 58.28 -0.08
CA TYR C 226 15.29 58.21 0.00
C TYR C 226 15.74 58.96 1.23
N ILE C 227 16.81 58.51 1.86
CA ILE C 227 17.36 59.23 3.01
C ILE C 227 18.88 59.35 2.73
N GLY C 228 19.41 60.56 2.86
CA GLY C 228 20.83 60.83 2.67
C GLY C 228 21.60 60.80 4.02
N VAL C 229 22.86 60.33 3.98
CA VAL C 229 23.70 60.30 5.16
C VAL C 229 25.13 60.64 4.73
N VAL C 230 25.98 60.99 5.70
CA VAL C 230 27.38 61.26 5.42
C VAL C 230 28.16 60.65 6.57
N ASN C 231 29.35 60.12 6.27
CA ASN C 231 30.19 59.53 7.29
C ASN C 231 31.32 60.52 7.51
N ARG C 232 31.16 61.42 8.46
CA ARG C 232 32.19 62.39 8.78
C ARG C 232 32.82 61.88 10.06
N SER C 233 33.66 60.87 9.86
CA SER C 233 34.39 60.16 10.91
C SER C 233 35.23 61.03 11.80
N GLN C 234 34.94 60.94 13.09
CA GLN C 234 35.65 61.67 14.12
C GLN C 234 36.21 60.59 15.04
N LYS C 235 37.44 60.78 15.51
CA LYS C 235 38.08 59.82 16.42
C LYS C 235 38.30 60.51 17.76
N ASP C 236 38.18 59.79 18.87
CA ASP C 236 38.40 60.42 20.16
C ASP C 236 39.88 60.34 20.52
N ILE C 237 40.24 60.80 21.71
CA ILE C 237 41.62 60.79 22.17
C ILE C 237 42.40 59.50 21.86
N ASP C 238 41.76 58.34 22.07
CA ASP C 238 42.40 57.05 21.85
C ASP C 238 42.45 56.62 20.39
N GLY C 239 41.86 57.42 19.51
CA GLY C 239 41.85 57.11 18.09
C GLY C 239 40.71 56.22 17.68
N LYS C 240 39.72 56.11 18.57
CA LYS C 240 38.52 55.29 18.34
C LYS C 240 37.28 56.11 17.98
N LYS C 241 36.41 55.48 17.19
CA LYS C 241 35.15 56.04 16.73
C LYS C 241 34.36 56.85 17.80
N ASP C 242 34.08 58.11 17.49
CA ASP C 242 33.35 59.04 18.35
C ASP C 242 32.03 59.36 17.65
N ILE C 243 31.00 58.55 17.93
CA ILE C 243 29.72 58.75 17.27
C ILE C 243 28.99 60.08 17.56
N THR C 244 29.06 60.59 18.79
CA THR C 244 28.36 61.83 19.03
C THR C 244 28.92 62.96 18.16
N ALA C 245 30.24 63.02 18.03
CA ALA C 245 30.86 64.04 17.20
C ALA C 245 30.58 63.75 15.72
N ALA C 246 30.62 62.48 15.32
CA ALA C 246 30.33 62.16 13.92
C ALA C 246 28.89 62.57 13.57
N LEU C 247 27.91 62.35 14.46
CA LEU C 247 26.52 62.71 14.15
C LEU C 247 26.29 64.22 14.13
N ALA C 248 27.08 64.94 14.92
CA ALA C 248 26.97 66.37 14.96
C ALA C 248 27.54 66.89 13.63
N ALA C 249 28.66 66.33 13.20
CA ALA C 249 29.27 66.75 11.91
C ALA C 249 28.30 66.50 10.76
N GLU C 250 27.58 65.39 10.80
CA GLU C 250 26.65 65.08 9.74
C GLU C 250 25.49 66.07 9.79
N ARG C 251 25.07 66.43 11.00
CA ARG C 251 23.97 67.38 11.16
C ARG C 251 24.38 68.76 10.61
N LYS C 252 25.60 69.16 10.94
CA LYS C 252 26.18 70.44 10.49
C LYS C 252 26.20 70.43 8.95
N PHE C 253 26.59 69.30 8.35
CA PHE C 253 26.64 69.20 6.89
C PHE C 253 25.32 69.51 6.21
N PHE C 254 24.24 68.87 6.66
CA PHE C 254 22.95 69.07 6.06
C PHE C 254 22.38 70.47 6.31
N LEU C 255 22.56 70.99 7.52
CA LEU C 255 22.10 72.33 7.82
C LEU C 255 22.81 73.42 7.02
N SER C 256 24.08 73.19 6.67
CA SER C 256 24.87 74.17 5.93
C SER C 256 24.97 74.03 4.43
N HIS C 257 24.46 72.94 3.89
CA HIS C 257 24.52 72.80 2.45
C HIS C 257 23.30 73.53 1.89
N PRO C 258 23.53 74.48 0.98
CA PRO C 258 22.37 75.19 0.42
C PRO C 258 21.37 74.33 -0.34
N SER C 259 21.81 73.17 -0.86
CA SER C 259 20.90 72.28 -1.58
C SER C 259 20.10 71.34 -0.68
N TYR C 260 20.53 71.16 0.58
CA TYR C 260 19.84 70.25 1.51
C TYR C 260 19.29 70.83 2.81
N ARG C 261 19.62 72.08 3.12
CA ARG C 261 19.14 72.61 4.41
C ARG C 261 17.64 72.44 4.65
N HIS C 262 16.84 72.65 3.62
CA HIS C 262 15.39 72.54 3.75
C HIS C 262 14.90 71.11 3.98
N LEU C 263 15.80 70.13 3.88
CA LEU C 263 15.44 68.71 4.07
C LEU C 263 16.18 68.10 5.24
N ALA C 264 16.99 68.90 5.89
CA ALA C 264 17.85 68.39 6.96
C ALA C 264 17.17 67.56 8.00
N ASP C 265 15.94 67.93 8.33
CA ASP C 265 15.26 67.17 9.34
C ASP C 265 14.85 65.77 8.84
N ARG C 266 14.92 65.54 7.54
CA ARG C 266 14.63 64.21 6.99
C ARG C 266 15.90 63.60 6.37
N MET C 267 17.04 63.93 6.94
CA MET C 267 18.30 63.37 6.45
C MET C 267 19.09 62.96 7.68
N GLY C 268 20.11 62.14 7.45
CA GLY C 268 20.97 61.76 8.55
C GLY C 268 20.62 60.43 9.17
N THR C 269 21.59 59.91 9.90
CA THR C 269 21.48 58.62 10.56
C THR C 269 20.39 58.49 11.58
N PRO C 270 20.21 59.49 12.47
CA PRO C 270 19.14 59.38 13.47
C PRO C 270 17.81 59.25 12.80
N TYR C 271 17.59 60.06 11.76
CA TYR C 271 16.31 60.03 11.07
C TYR C 271 16.17 58.69 10.30
N LEU C 272 17.25 58.22 9.71
CA LEU C 272 17.17 56.94 9.01
C LEU C 272 16.80 55.84 10.01
N GLN C 273 17.33 55.87 11.24
CA GLN C 273 16.97 54.83 12.19
C GLN C 273 15.50 54.89 12.51
N LYS C 274 15.02 56.11 12.59
CA LYS C 274 13.62 56.30 12.94
C LYS C 274 12.70 55.80 11.89
N VAL C 275 13.06 56.09 10.64
CA VAL C 275 12.30 55.66 9.51
C VAL C 275 12.33 54.13 9.39
N LEU C 276 13.49 53.51 9.51
CA LEU C 276 13.50 52.04 9.40
C LEU C 276 12.70 51.39 10.52
N ASN C 277 12.82 51.92 11.74
CA ASN C 277 12.06 51.33 12.86
C ASN C 277 10.55 51.42 12.61
N GLN C 278 10.13 52.56 12.07
CA GLN C 278 8.73 52.76 11.79
C GLN C 278 8.23 51.89 10.65
N GLN C 279 8.96 51.90 9.53
CA GLN C 279 8.52 51.12 8.38
C GLN C 279 8.60 49.60 8.66
N LEU C 280 9.63 49.16 9.39
CA LEU C 280 9.73 47.73 9.67
C LEU C 280 8.54 47.35 10.60
N THR C 281 8.30 48.16 11.62
CA THR C 281 7.18 47.86 12.54
C THR C 281 5.83 47.77 11.80
N ASN C 282 5.54 48.74 10.94
CA ASN C 282 4.28 48.74 10.20
C ASN C 282 4.22 47.56 9.24
N HIS C 283 5.35 47.18 8.68
CA HIS C 283 5.38 46.08 7.75
C HIS C 283 5.09 44.78 8.49
N ILE C 284 5.63 44.66 9.69
CA ILE C 284 5.39 43.42 10.45
C ILE C 284 3.91 43.40 10.83
N ARG C 285 3.42 44.53 11.29
CA ARG C 285 2.01 44.62 11.66
C ARG C 285 1.17 44.14 10.49
N ASP C 286 1.58 44.53 9.30
CA ASP C 286 0.82 44.12 8.13
C ASP C 286 0.84 42.69 7.77
N THR C 287 2.00 42.07 7.96
CA THR C 287 2.17 40.71 7.55
C THR C 287 1.96 39.64 8.59
N LEU C 288 1.97 40.02 9.87
CA LEU C 288 1.79 39.09 10.99
C LEU C 288 0.45 38.35 11.02
N PRO C 289 -0.64 39.09 10.78
CA PRO C 289 -1.93 38.40 10.81
C PRO C 289 -2.00 37.08 10.03
N GLY C 290 -1.49 37.02 8.81
CA GLY C 290 -1.58 35.74 8.12
C GLY C 290 -0.38 34.82 8.29
N LEU C 291 0.65 35.33 8.97
CA LEU C 291 1.89 34.61 9.18
C LEU C 291 1.82 33.19 9.72
N ARG C 292 1.33 32.99 10.95
CA ARG C 292 1.28 31.63 11.52
C ARG C 292 0.75 30.55 10.57
N ASN C 293 -0.42 30.76 10.01
CA ASN C 293 -1.02 29.77 9.10
C ASN C 293 -0.19 29.57 7.86
N LYS C 294 0.34 30.66 7.31
CA LYS C 294 1.16 30.57 6.13
C LYS C 294 2.41 29.72 6.40
N LEU C 295 3.12 30.03 7.49
CA LEU C 295 4.33 29.28 7.83
C LEU C 295 4.11 27.79 7.88
N GLN C 296 3.04 27.37 8.56
CA GLN C 296 2.74 25.96 8.67
C GLN C 296 2.73 25.29 7.31
N SER C 297 2.08 25.94 6.35
CA SER C 297 2.00 25.39 5.01
C SER C 297 3.30 25.45 4.20
N GLN C 298 4.23 26.32 4.59
CA GLN C 298 5.47 26.43 3.84
C GLN C 298 6.65 25.64 4.38
N LEU C 299 6.57 25.20 5.63
CA LEU C 299 7.68 24.46 6.21
C LEU C 299 7.79 23.06 5.60
#